data_4R51
#
_entry.id   4R51
#
_cell.length_a   59.780
_cell.length_b   98.399
_cell.length_c   63.973
_cell.angle_alpha   90.00
_cell.angle_beta   102.65
_cell.angle_gamma   90.00
#
_symmetry.space_group_name_H-M   'P 1 21 1'
#
loop_
_entity.id
_entity.type
_entity.pdbx_description
1 polymer 'Aspartate-semialdehyde dehydrogenase'
2 non-polymer 'SODIUM ION'
3 non-polymer 'PHTHALIC ACID'
4 non-polymer 'NADP NICOTINAMIDE-ADENINE-DINUCLEOTIDE PHOSPHATE'
5 non-polymer 1,2-ETHANEDIOL
6 non-polymer 'ACETATE ION'
7 water water
#
_entity_poly.entity_id   1
_entity_poly.type   'polypeptide(L)'
_entity_poly.pdbx_seq_one_letter_code
;MGYTVAVVGATGAVGAQMIKMLEESTLPIDKIRYLASARSAGKSLKFKDQDITIEETTETAFEGVDIALFSAGSSTSAKY
APYAVKAGVVVVDNTSYFRQNPDVPLVVPEVNAHALDAHNGIIACPNCSTIQMMVALEPVRQKWGLDRIIVSTYQAVSGA
GMGAILETQRELREVLNDGVKPCDLHAEILPSGGDKKHYPIAFNALPQIDVFTDNDYTYEEMKMTKETKKIMEDDSIAVS
ATCVRIPVLSAHSESVYIETKEVAPIEEVKAAIAAFPGAVLEDDVAHQIYPQAINAVGSRDTFVGRIRKDLDAEKGIHMW
VVSDNLLKGAAWNSVQIAETLHERGLVRPTAELKFELKLEHHHHHH
;
_entity_poly.pdbx_strand_id   A,B
#
# COMPACT_ATOMS: atom_id res chain seq x y z
N GLY A 2 -25.71 -8.19 -35.77
CA GLY A 2 -24.81 -8.14 -34.59
C GLY A 2 -23.42 -8.67 -34.90
N TYR A 3 -22.61 -8.82 -33.86
CA TYR A 3 -21.21 -9.21 -34.03
C TYR A 3 -20.97 -10.65 -33.57
N THR A 4 -19.95 -11.29 -34.16
CA THR A 4 -19.30 -12.45 -33.56
C THR A 4 -18.14 -11.96 -32.69
N VAL A 5 -18.17 -12.32 -31.41
CA VAL A 5 -17.18 -11.88 -30.42
C VAL A 5 -16.45 -13.09 -29.86
N ALA A 6 -15.12 -13.01 -29.87
CA ALA A 6 -14.29 -14.05 -29.26
C ALA A 6 -13.63 -13.52 -28.00
N VAL A 7 -13.62 -14.33 -26.96
CA VAL A 7 -12.86 -14.02 -25.74
C VAL A 7 -11.69 -14.97 -25.65
N VAL A 8 -10.47 -14.44 -25.75
CA VAL A 8 -9.26 -15.24 -25.71
C VAL A 8 -8.74 -15.22 -24.28
N GLY A 9 -8.63 -16.41 -23.70
CA GLY A 9 -8.36 -16.57 -22.29
C GLY A 9 -9.64 -16.52 -21.48
N ALA A 10 -10.68 -17.19 -21.97
CA ALA A 10 -12.01 -17.15 -21.34
C ALA A 10 -12.08 -17.83 -19.96
N THR A 11 -11.16 -18.74 -19.69
CA THR A 11 -11.15 -19.56 -18.47
C THR A 11 -10.44 -18.95 -17.26
N GLY A 12 -9.78 -17.81 -17.44
CA GLY A 12 -8.99 -17.21 -16.36
C GLY A 12 -9.75 -16.18 -15.53
N ALA A 13 -9.01 -15.49 -14.66
CA ALA A 13 -9.54 -14.46 -13.77
C ALA A 13 -10.15 -13.31 -14.55
N VAL A 14 -9.40 -12.78 -15.53
CA VAL A 14 -9.91 -11.69 -16.35
C VAL A 14 -11.01 -12.19 -17.27
N GLY A 15 -10.77 -13.34 -17.91
CA GLY A 15 -11.78 -14.01 -18.74
C GLY A 15 -13.15 -14.17 -18.10
N ALA A 16 -13.19 -14.59 -16.83
CA ALA A 16 -14.48 -14.74 -16.14
C ALA A 16 -15.23 -13.41 -16.10
N GLN A 17 -14.49 -12.32 -15.90
CA GLN A 17 -15.12 -11.00 -15.82
C GLN A 17 -15.46 -10.43 -17.19
N MET A 18 -14.67 -10.80 -18.20
CA MET A 18 -14.98 -10.45 -19.57
C MET A 18 -16.32 -11.02 -19.97
N ILE A 19 -16.54 -12.28 -19.63
CA ILE A 19 -17.82 -12.94 -19.89
C ILE A 19 -18.95 -12.15 -19.23
N LYS A 20 -18.80 -11.84 -17.95
CA LYS A 20 -19.82 -11.08 -17.21
C LYS A 20 -20.09 -9.71 -17.85
N MET A 21 -19.03 -8.97 -18.15
CA MET A 21 -19.16 -7.66 -18.79
C MET A 21 -19.83 -7.76 -20.17
N LEU A 22 -19.53 -8.81 -20.96
CA LEU A 22 -20.20 -9.03 -22.25
C LEU A 22 -21.68 -9.40 -22.12
N GLU A 23 -22.00 -10.28 -21.16
CA GLU A 23 -23.39 -10.60 -20.84
C GLU A 23 -24.20 -9.34 -20.50
N GLU A 24 -23.54 -8.36 -19.91
CA GLU A 24 -24.20 -7.12 -19.46
C GLU A 24 -23.97 -5.95 -20.43
N SER A 25 -23.38 -6.24 -21.58
CA SER A 25 -22.97 -5.23 -22.54
C SER A 25 -24.11 -4.75 -23.44
N THR A 26 -23.91 -3.58 -24.05
CA THR A 26 -24.82 -3.05 -25.09
C THR A 26 -24.33 -3.41 -26.49
N LEU A 27 -23.32 -4.28 -26.57
CA LEU A 27 -22.86 -4.80 -27.84
C LEU A 27 -23.91 -5.77 -28.40
N PRO A 28 -24.30 -5.59 -29.68
CA PRO A 28 -25.21 -6.55 -30.27
C PRO A 28 -24.46 -7.81 -30.65
N ILE A 29 -24.60 -8.85 -29.85
CA ILE A 29 -23.80 -10.04 -30.02
C ILE A 29 -24.64 -11.16 -30.62
N ASP A 30 -24.28 -11.57 -31.83
CA ASP A 30 -24.95 -12.68 -32.50
C ASP A 30 -24.36 -14.03 -32.13
N LYS A 31 -23.04 -14.06 -31.93
CA LYS A 31 -22.34 -15.30 -31.64
C LYS A 31 -21.15 -15.03 -30.71
N ILE A 32 -20.96 -15.91 -29.73
CA ILE A 32 -19.84 -15.84 -28.78
C ILE A 32 -18.94 -17.05 -28.99
N ARG A 33 -17.62 -16.81 -29.00
CA ARG A 33 -16.65 -17.89 -29.02
C ARG A 33 -15.70 -17.73 -27.84
N TYR A 34 -15.33 -18.85 -27.21
CA TYR A 34 -14.44 -18.82 -26.07
C TYR A 34 -13.18 -19.57 -26.46
N LEU A 35 -12.04 -18.88 -26.38
CA LEU A 35 -10.76 -19.47 -26.72
C LEU A 35 -9.85 -19.53 -25.48
N ALA A 36 -9.09 -20.61 -25.36
CA ALA A 36 -8.09 -20.73 -24.31
C ALA A 36 -7.01 -21.70 -24.80
N SER A 37 -6.36 -22.43 -23.90
CA SER A 37 -5.30 -23.35 -24.29
C SER A 37 -5.90 -24.65 -24.79
N ALA A 38 -5.09 -25.48 -25.45
CA ALA A 38 -5.53 -26.82 -25.85
C ALA A 38 -6.07 -27.63 -24.67
N ARG A 39 -5.54 -27.42 -23.47
CA ARG A 39 -6.02 -28.13 -22.27
C ARG A 39 -7.50 -27.85 -22.03
N SER A 40 -7.90 -26.58 -22.18
CA SER A 40 -9.30 -26.21 -21.99
C SER A 40 -10.19 -26.55 -23.18
N ALA A 41 -9.62 -26.65 -24.37
CA ALA A 41 -10.38 -26.91 -25.58
C ALA A 41 -11.18 -28.22 -25.46
N GLY A 42 -12.46 -28.17 -25.84
CA GLY A 42 -13.36 -29.32 -25.68
C GLY A 42 -14.25 -29.25 -24.45
N LYS A 43 -13.89 -28.42 -23.48
CA LYS A 43 -14.71 -28.23 -22.28
C LYS A 43 -15.73 -27.12 -22.56
N SER A 44 -16.56 -26.79 -21.57
CA SER A 44 -17.68 -25.87 -21.78
C SER A 44 -17.83 -24.84 -20.68
N LEU A 45 -18.40 -23.70 -21.04
CA LEU A 45 -18.61 -22.59 -20.11
C LEU A 45 -19.89 -21.88 -20.55
N LYS A 46 -20.56 -21.20 -19.62
CA LYS A 46 -21.82 -20.52 -19.93
C LYS A 46 -21.59 -19.15 -20.58
N PHE A 47 -22.45 -18.82 -21.55
CA PHE A 47 -22.76 -17.42 -21.89
C PHE A 47 -24.27 -17.28 -21.71
N LYS A 48 -24.66 -16.51 -20.69
CA LYS A 48 -26.03 -16.44 -20.22
C LYS A 48 -26.52 -17.88 -19.93
N ASP A 49 -27.53 -18.35 -20.63
CA ASP A 49 -28.04 -19.71 -20.41
C ASP A 49 -27.46 -20.74 -21.38
N GLN A 50 -26.67 -20.28 -22.36
CA GLN A 50 -26.16 -21.19 -23.40
C GLN A 50 -24.79 -21.77 -23.05
N ASP A 51 -24.59 -23.03 -23.41
CA ASP A 51 -23.30 -23.70 -23.24
C ASP A 51 -22.41 -23.40 -24.45
N ILE A 52 -21.19 -22.99 -24.18
CA ILE A 52 -20.25 -22.61 -25.21
C ILE A 52 -19.05 -23.52 -25.13
N THR A 53 -18.71 -24.17 -26.24
CA THR A 53 -17.56 -25.06 -26.28
C THR A 53 -16.26 -24.29 -26.43
N ILE A 54 -15.35 -24.49 -25.50
CA ILE A 54 -14.08 -23.77 -25.50
C ILE A 54 -13.20 -24.29 -26.63
N GLU A 55 -12.56 -23.36 -27.34
CA GLU A 55 -11.68 -23.69 -28.45
C GLU A 55 -10.22 -23.40 -28.14
N GLU A 56 -9.34 -24.13 -28.83
CA GLU A 56 -7.90 -23.86 -28.80
C GLU A 56 -7.61 -22.54 -29.51
N THR A 57 -6.74 -21.73 -28.93
CA THR A 57 -6.30 -20.49 -29.60
C THR A 57 -5.27 -20.85 -30.67
N THR A 58 -5.58 -20.54 -31.93
CA THR A 58 -4.67 -20.82 -33.04
C THR A 58 -4.78 -19.72 -34.10
N GLU A 59 -3.86 -19.76 -35.07
CA GLU A 59 -3.84 -18.79 -36.17
C GLU A 59 -5.10 -18.81 -37.02
N THR A 60 -5.80 -19.96 -37.04
CA THR A 60 -7.01 -20.12 -37.85
C THR A 60 -8.31 -20.14 -37.02
N ALA A 61 -8.24 -19.79 -35.74
CA ALA A 61 -9.41 -19.80 -34.86
C ALA A 61 -10.30 -18.55 -34.97
N PHE A 62 -9.88 -17.56 -35.75
CA PHE A 62 -10.54 -16.26 -35.79
C PHE A 62 -11.37 -16.00 -37.04
N GLU A 63 -11.59 -17.03 -37.85
CA GLU A 63 -12.37 -16.88 -39.06
C GLU A 63 -13.81 -16.50 -38.69
N GLY A 64 -14.30 -15.40 -39.25
CA GLY A 64 -15.67 -14.95 -39.02
C GLY A 64 -15.88 -14.07 -37.80
N VAL A 65 -14.83 -13.84 -37.03
CA VAL A 65 -14.93 -13.07 -35.78
C VAL A 65 -14.84 -11.59 -36.10
N ASP A 66 -15.70 -10.78 -35.50
CA ASP A 66 -15.66 -9.33 -35.71
C ASP A 66 -14.76 -8.63 -34.69
N ILE A 67 -14.85 -9.07 -33.44
CA ILE A 67 -14.13 -8.47 -32.35
C ILE A 67 -13.59 -9.58 -31.44
N ALA A 68 -12.30 -9.50 -31.11
CA ALA A 68 -11.69 -10.45 -30.18
C ALA A 68 -11.08 -9.68 -29.02
N LEU A 69 -11.44 -10.10 -27.81
CA LEU A 69 -10.90 -9.55 -26.59
C LEU A 69 -9.86 -10.53 -26.07
N PHE A 70 -8.61 -10.09 -26.02
CA PHE A 70 -7.49 -10.95 -25.62
C PHE A 70 -7.11 -10.71 -24.18
N SER A 71 -7.13 -11.77 -23.37
CA SER A 71 -6.56 -11.69 -22.04
C SER A 71 -5.97 -13.03 -21.61
N ALA A 72 -5.05 -13.55 -22.44
CA ALA A 72 -4.43 -14.86 -22.21
C ALA A 72 -2.90 -14.78 -22.09
N GLY A 73 -2.37 -13.60 -21.81
CA GLY A 73 -0.94 -13.42 -21.59
C GLY A 73 -0.27 -12.74 -22.77
N SER A 74 0.79 -11.99 -22.50
CA SER A 74 1.44 -11.20 -23.52
C SER A 74 1.96 -12.06 -24.66
N SER A 75 2.48 -13.24 -24.34
N SER A 75 2.48 -13.24 -24.34
CA SER A 75 3.00 -14.15 -25.36
CA SER A 75 3.00 -14.16 -25.36
C SER A 75 1.90 -14.59 -26.32
C SER A 75 1.90 -14.61 -26.31
N THR A 76 0.73 -14.92 -25.76
CA THR A 76 -0.43 -15.32 -26.58
C THR A 76 -0.88 -14.19 -27.51
N SER A 77 -0.91 -12.95 -27.00
CA SER A 77 -1.26 -11.81 -27.82
C SER A 77 -0.22 -11.60 -28.91
N ALA A 78 1.07 -11.64 -28.54
CA ALA A 78 2.16 -11.47 -29.50
C ALA A 78 2.04 -12.44 -30.67
N LYS A 79 1.74 -13.69 -30.34
CA LYS A 79 1.65 -14.77 -31.31
C LYS A 79 0.40 -14.72 -32.18
N TYR A 80 -0.77 -14.44 -31.58
CA TYR A 80 -2.04 -14.67 -32.27
C TYR A 80 -2.82 -13.42 -32.68
N ALA A 81 -2.65 -12.31 -31.97
CA ALA A 81 -3.39 -11.11 -32.33
C ALA A 81 -3.10 -10.68 -33.78
N PRO A 82 -1.83 -10.74 -34.23
CA PRO A 82 -1.59 -10.33 -35.61
C PRO A 82 -2.30 -11.20 -36.66
N TYR A 83 -2.46 -12.48 -36.36
CA TYR A 83 -3.22 -13.38 -37.22
C TYR A 83 -4.72 -13.04 -37.20
N ALA A 84 -5.25 -12.67 -36.04
CA ALA A 84 -6.64 -12.22 -35.97
C ALA A 84 -6.83 -10.95 -36.81
N VAL A 85 -5.89 -10.01 -36.73
CA VAL A 85 -5.95 -8.81 -37.55
C VAL A 85 -5.90 -9.16 -39.05
N LYS A 86 -5.07 -10.11 -39.45
CA LYS A 86 -5.06 -10.49 -40.87
C LYS A 86 -6.35 -11.21 -41.31
N ALA A 87 -7.03 -11.86 -40.37
CA ALA A 87 -8.36 -12.43 -40.64
C ALA A 87 -9.47 -11.36 -40.72
N GLY A 88 -9.15 -10.12 -40.38
CA GLY A 88 -10.10 -9.01 -40.46
C GLY A 88 -10.74 -8.65 -39.14
N VAL A 89 -10.21 -9.21 -38.04
CA VAL A 89 -10.77 -9.01 -36.70
C VAL A 89 -10.26 -7.68 -36.15
N VAL A 90 -11.09 -7.00 -35.35
CA VAL A 90 -10.62 -5.91 -34.53
C VAL A 90 -10.32 -6.48 -33.14
N VAL A 91 -9.08 -6.30 -32.69
CA VAL A 91 -8.57 -6.89 -31.45
C VAL A 91 -8.51 -5.84 -30.36
N VAL A 92 -9.09 -6.17 -29.21
CA VAL A 92 -8.90 -5.39 -28.00
C VAL A 92 -8.01 -6.22 -27.09
N ASP A 93 -6.77 -5.78 -26.90
CA ASP A 93 -5.76 -6.56 -26.17
C ASP A 93 -5.55 -6.03 -24.75
N ASN A 94 -5.76 -6.91 -23.76
CA ASN A 94 -5.56 -6.56 -22.33
C ASN A 94 -4.10 -6.63 -21.84
N THR A 95 -3.20 -7.17 -22.67
CA THR A 95 -1.83 -7.42 -22.24
C THR A 95 -0.93 -6.21 -22.52
N SER A 96 0.29 -6.27 -22.02
CA SER A 96 1.27 -5.21 -22.20
C SER A 96 1.93 -5.21 -23.58
N TYR A 97 1.76 -6.28 -24.35
CA TYR A 97 2.61 -6.49 -25.53
C TYR A 97 2.62 -5.35 -26.54
N PHE A 98 1.45 -4.86 -26.93
CA PHE A 98 1.35 -3.85 -27.99
C PHE A 98 1.18 -2.42 -27.49
N ARG A 99 1.20 -2.23 -26.17
CA ARG A 99 0.79 -0.93 -25.60
C ARG A 99 1.64 0.26 -26.05
N GLN A 100 2.94 0.03 -26.23
CA GLN A 100 3.87 1.08 -26.66
C GLN A 100 4.17 1.08 -28.17
N ASN A 101 3.41 0.32 -28.95
CA ASN A 101 3.54 0.33 -30.41
C ASN A 101 2.83 1.57 -30.94
N PRO A 102 3.55 2.42 -31.73
CA PRO A 102 2.94 3.67 -32.20
C PRO A 102 1.76 3.52 -33.16
N ASP A 103 1.55 2.32 -33.69
CA ASP A 103 0.38 2.03 -34.52
C ASP A 103 -0.85 1.57 -33.71
N VAL A 104 -0.70 1.50 -32.38
CA VAL A 104 -1.72 0.94 -31.51
C VAL A 104 -2.21 2.02 -30.54
N PRO A 105 -3.50 2.39 -30.64
CA PRO A 105 -4.07 3.25 -29.60
C PRO A 105 -4.09 2.55 -28.24
N LEU A 106 -3.76 3.30 -27.20
CA LEU A 106 -3.75 2.81 -25.83
C LEU A 106 -4.81 3.60 -25.09
N VAL A 107 -5.96 2.96 -24.86
CA VAL A 107 -7.18 3.72 -24.62
C VAL A 107 -7.88 3.45 -23.30
N VAL A 108 -8.27 4.56 -22.67
CA VAL A 108 -9.25 4.60 -21.60
C VAL A 108 -10.37 5.47 -22.17
N PRO A 109 -11.54 4.88 -22.48
CA PRO A 109 -12.52 5.61 -23.33
C PRO A 109 -12.92 7.02 -22.83
N GLU A 110 -13.00 7.20 -21.51
CA GLU A 110 -13.35 8.53 -20.95
C GLU A 110 -12.27 9.58 -21.17
N VAL A 111 -11.04 9.11 -21.38
CA VAL A 111 -9.87 9.98 -21.46
C VAL A 111 -9.48 10.26 -22.90
N ASN A 112 -9.33 9.22 -23.72
CA ASN A 112 -8.77 9.40 -25.05
C ASN A 112 -9.43 8.52 -26.13
N ALA A 113 -10.75 8.44 -26.08
CA ALA A 113 -11.52 7.70 -27.10
C ALA A 113 -11.21 8.11 -28.54
N HIS A 114 -10.91 9.40 -28.74
CA HIS A 114 -10.51 9.90 -30.05
C HIS A 114 -9.36 9.09 -30.68
N ALA A 115 -8.47 8.54 -29.86
CA ALA A 115 -7.34 7.78 -30.38
C ALA A 115 -7.78 6.52 -31.11
N LEU A 116 -8.97 6.01 -30.80
CA LEU A 116 -9.53 4.83 -31.47
C LEU A 116 -9.67 5.03 -32.99
N ASP A 117 -9.88 6.28 -33.41
CA ASP A 117 -10.08 6.59 -34.84
C ASP A 117 -8.89 6.17 -35.71
N ALA A 118 -7.71 6.12 -35.12
CA ALA A 118 -6.48 5.83 -35.84
C ALA A 118 -6.05 4.36 -35.74
N HIS A 119 -6.94 3.48 -35.28
CA HIS A 119 -6.54 2.09 -35.10
C HIS A 119 -6.23 1.34 -36.41
N ASN A 120 -5.35 0.35 -36.29
CA ASN A 120 -4.92 -0.52 -37.37
C ASN A 120 -5.20 -1.98 -37.05
N GLY A 121 -6.27 -2.22 -36.29
CA GLY A 121 -6.75 -3.55 -36.01
C GLY A 121 -6.49 -4.00 -34.57
N ILE A 122 -5.60 -3.30 -33.87
CA ILE A 122 -5.35 -3.58 -32.45
C ILE A 122 -5.53 -2.31 -31.61
N ILE A 123 -6.33 -2.45 -30.56
CA ILE A 123 -6.48 -1.41 -29.54
C ILE A 123 -6.01 -2.03 -28.22
N ALA A 124 -5.08 -1.38 -27.54
CA ALA A 124 -4.58 -1.90 -26.29
C ALA A 124 -5.31 -1.30 -25.09
N CYS A 125 -5.68 -2.18 -24.16
CA CYS A 125 -6.17 -1.79 -22.86
C CYS A 125 -4.93 -1.57 -21.96
N PRO A 126 -4.87 -0.44 -21.23
CA PRO A 126 -3.71 -0.23 -20.35
C PRO A 126 -3.69 -1.13 -19.13
N ASN A 127 -2.59 -1.07 -18.39
CA ASN A 127 -2.48 -1.81 -17.13
C ASN A 127 -3.51 -1.29 -16.13
N CYS A 128 -4.06 -2.20 -15.31
CA CYS A 128 -5.13 -1.86 -14.36
C CYS A 128 -4.79 -0.67 -13.47
N SER A 129 -3.58 -0.70 -12.89
CA SER A 129 -3.14 0.42 -12.06
C SER A 129 -3.14 1.74 -12.81
N THR A 130 -2.73 1.72 -14.06
CA THR A 130 -2.73 2.95 -14.87
C THR A 130 -4.13 3.46 -15.15
N ILE A 131 -5.05 2.55 -15.46
CA ILE A 131 -6.39 2.94 -15.87
C ILE A 131 -7.09 3.78 -14.80
N GLN A 132 -7.13 3.29 -13.56
CA GLN A 132 -7.86 4.01 -12.51
C GLN A 132 -7.25 5.38 -12.19
N MET A 133 -5.93 5.46 -12.28
CA MET A 133 -5.21 6.70 -12.08
C MET A 133 -5.53 7.71 -13.18
N MET A 134 -5.64 7.25 -14.43
CA MET A 134 -6.03 8.13 -15.54
C MET A 134 -7.46 8.67 -15.40
N VAL A 135 -8.38 7.84 -14.94
CA VAL A 135 -9.76 8.28 -14.71
C VAL A 135 -9.80 9.37 -13.62
N ALA A 136 -8.99 9.20 -12.58
CA ALA A 136 -8.94 10.16 -11.48
C ALA A 136 -8.30 11.48 -11.92
N LEU A 137 -7.24 11.41 -12.72
CA LEU A 137 -6.39 12.58 -13.00
C LEU A 137 -6.74 13.34 -14.28
N GLU A 138 -7.39 12.68 -15.24
CA GLU A 138 -7.70 13.37 -16.51
C GLU A 138 -8.50 14.66 -16.29
N PRO A 139 -9.55 14.61 -15.44
CA PRO A 139 -10.27 15.89 -15.19
C PRO A 139 -9.42 17.00 -14.59
N VAL A 140 -8.41 16.64 -13.81
CA VAL A 140 -7.47 17.62 -13.27
C VAL A 140 -6.56 18.14 -14.37
N ARG A 141 -6.00 17.24 -15.17
CA ARG A 141 -5.14 17.62 -16.28
C ARG A 141 -5.85 18.58 -17.24
N GLN A 142 -7.10 18.28 -17.56
CA GLN A 142 -7.87 19.11 -18.50
C GLN A 142 -7.95 20.57 -18.10
N LYS A 143 -8.04 20.84 -16.81
CA LYS A 143 -8.27 22.19 -16.33
C LYS A 143 -6.99 22.88 -15.84
N TRP A 144 -6.14 22.15 -15.14
CA TRP A 144 -4.95 22.75 -14.52
C TRP A 144 -3.60 22.18 -14.97
N GLY A 145 -3.61 21.16 -15.82
CA GLY A 145 -2.41 20.52 -16.28
C GLY A 145 -1.78 19.61 -15.24
N LEU A 146 -0.86 18.78 -15.67
CA LEU A 146 -0.06 17.94 -14.78
C LEU A 146 1.41 18.08 -15.08
N ASP A 147 2.18 18.42 -14.05
CA ASP A 147 3.63 18.51 -14.15
C ASP A 147 4.26 17.16 -13.79
N ARG A 148 3.86 16.60 -12.65
CA ARG A 148 4.41 15.33 -12.21
C ARG A 148 3.42 14.50 -11.40
N ILE A 149 3.71 13.21 -11.32
CA ILE A 149 2.92 12.26 -10.52
C ILE A 149 3.88 11.37 -9.74
N ILE A 150 3.63 11.19 -8.45
CA ILE A 150 4.30 10.17 -7.66
C ILE A 150 3.20 9.31 -7.09
N VAL A 151 3.30 8.01 -7.32
CA VAL A 151 2.24 7.11 -6.87
C VAL A 151 2.82 5.88 -6.18
N SER A 152 2.17 5.50 -5.07
CA SER A 152 2.40 4.23 -4.40
C SER A 152 1.11 3.40 -4.44
N THR A 153 1.23 2.17 -4.91
CA THR A 153 0.05 1.35 -5.11
C THR A 153 -0.10 0.28 -4.02
N TYR A 154 -1.33 -0.19 -3.89
CA TYR A 154 -1.73 -1.14 -2.89
C TYR A 154 -2.57 -2.15 -3.67
N GLN A 155 -1.91 -3.12 -4.30
CA GLN A 155 -2.54 -3.90 -5.35
C GLN A 155 -3.01 -5.28 -4.87
N ALA A 156 -4.25 -5.61 -5.26
CA ALA A 156 -4.87 -6.91 -5.00
C ALA A 156 -4.23 -8.05 -5.77
N VAL A 157 -4.37 -9.25 -5.22
CA VAL A 157 -3.78 -10.45 -5.81
C VAL A 157 -4.49 -10.96 -7.06
N SER A 158 -5.76 -10.61 -7.25
CA SER A 158 -6.51 -11.08 -8.42
C SER A 158 -5.86 -10.62 -9.72
N GLY A 159 -5.10 -9.51 -9.65
CA GLY A 159 -4.35 -9.02 -10.79
C GLY A 159 -3.27 -9.97 -11.28
N ALA A 160 -2.86 -10.92 -10.44
CA ALA A 160 -1.85 -11.91 -10.79
C ALA A 160 -2.44 -13.26 -11.23
N GLY A 161 -3.75 -13.36 -11.33
CA GLY A 161 -4.41 -14.53 -11.90
C GLY A 161 -5.04 -15.46 -10.90
N MET A 162 -5.76 -16.44 -11.43
CA MET A 162 -6.49 -17.40 -10.63
C MET A 162 -5.59 -18.12 -9.64
N GLY A 163 -4.42 -18.55 -10.09
CA GLY A 163 -3.46 -19.24 -9.21
C GLY A 163 -3.04 -18.40 -8.01
N ALA A 164 -2.81 -17.12 -8.25
CA ALA A 164 -2.41 -16.20 -7.19
C ALA A 164 -3.53 -16.02 -6.17
N ILE A 165 -4.77 -16.01 -6.64
CA ILE A 165 -5.93 -15.91 -5.75
C ILE A 165 -5.98 -17.14 -4.83
N LEU A 166 -5.82 -18.30 -5.44
CA LEU A 166 -5.90 -19.56 -4.69
C LEU A 166 -4.73 -19.68 -3.72
N GLU A 167 -3.54 -19.27 -4.14
CA GLU A 167 -2.37 -19.27 -3.27
C GLU A 167 -2.59 -18.37 -2.06
N THR A 168 -3.19 -17.21 -2.29
CA THR A 168 -3.43 -16.28 -1.19
C THR A 168 -4.40 -16.85 -0.16
N GLN A 169 -5.51 -17.38 -0.64
CA GLN A 169 -6.51 -18.02 0.22
C GLN A 169 -5.92 -19.18 1.02
N ARG A 170 -5.14 -20.00 0.34
CA ARG A 170 -4.50 -21.15 0.99
C ARG A 170 -3.54 -20.72 2.09
N GLU A 171 -2.68 -19.74 1.79
CA GLU A 171 -1.71 -19.25 2.76
C GLU A 171 -2.42 -18.70 4.00
N LEU A 172 -3.48 -17.91 3.78
CA LEU A 172 -4.20 -17.32 4.91
C LEU A 172 -4.85 -18.39 5.79
N ARG A 173 -5.42 -19.41 5.15
CA ARG A 173 -6.02 -20.53 5.88
C ARG A 173 -4.99 -21.34 6.66
N GLU A 174 -3.81 -21.56 6.08
CA GLU A 174 -2.72 -22.22 6.83
C GLU A 174 -2.33 -21.42 8.09
N VAL A 175 -2.25 -20.10 7.99
CA VAL A 175 -1.89 -19.30 9.15
C VAL A 175 -3.02 -19.30 10.17
N LEU A 176 -4.22 -18.98 9.69
CA LEU A 176 -5.37 -18.72 10.57
C LEU A 176 -6.00 -19.98 11.15
N ASN A 177 -6.00 -21.07 10.38
CA ASN A 177 -6.62 -22.33 10.81
C ASN A 177 -5.61 -23.38 11.30
N ASP A 178 -4.40 -23.40 10.72
CA ASP A 178 -3.41 -24.42 11.07
C ASP A 178 -2.27 -23.91 11.94
N GLY A 179 -2.22 -22.60 12.18
CA GLY A 179 -1.18 -22.00 13.00
C GLY A 179 0.21 -21.97 12.39
N VAL A 180 0.32 -21.93 11.05
CA VAL A 180 1.63 -21.77 10.42
C VAL A 180 2.07 -20.30 10.51
N LYS A 181 3.32 -20.05 10.89
CA LYS A 181 3.86 -18.70 10.88
C LYS A 181 3.98 -18.21 9.43
N PRO A 182 3.63 -16.94 9.16
CA PRO A 182 3.76 -16.41 7.80
C PRO A 182 5.11 -16.68 7.14
N CYS A 183 6.21 -16.53 7.87
CA CYS A 183 7.53 -16.73 7.27
CA CYS A 183 7.57 -16.76 7.35
C CYS A 183 7.85 -18.20 6.94
N ASP A 184 7.06 -19.12 7.48
CA ASP A 184 7.20 -20.55 7.17
C ASP A 184 6.32 -21.00 6.00
N LEU A 185 5.51 -20.11 5.43
CA LEU A 185 4.62 -20.48 4.34
C LEU A 185 5.41 -20.80 3.08
N HIS A 186 4.95 -21.79 2.33
CA HIS A 186 5.51 -22.09 1.02
C HIS A 186 4.69 -21.33 -0.05
N ALA A 187 5.39 -20.62 -0.93
CA ALA A 187 4.78 -19.86 -2.01
C ALA A 187 5.34 -20.36 -3.33
N GLU A 188 4.53 -20.35 -4.39
CA GLU A 188 4.98 -20.76 -5.73
C GLU A 188 4.74 -19.73 -6.84
N ILE A 189 3.92 -18.70 -6.59
CA ILE A 189 3.51 -17.79 -7.66
C ILE A 189 3.95 -16.34 -7.37
N LEU A 190 3.46 -15.77 -6.27
CA LEU A 190 3.77 -14.37 -5.95
C LEU A 190 5.22 -14.23 -5.46
N PRO A 191 5.83 -13.04 -5.68
CA PRO A 191 5.24 -11.84 -6.27
C PRO A 191 5.06 -11.91 -7.79
N SER A 192 5.87 -12.71 -8.48
CA SER A 192 5.80 -12.80 -9.95
C SER A 192 6.06 -14.21 -10.45
N GLY A 193 5.10 -14.75 -11.19
CA GLY A 193 5.18 -16.12 -11.70
C GLY A 193 6.41 -16.34 -12.55
N GLY A 194 6.83 -15.31 -13.28
CA GLY A 194 7.99 -15.37 -14.14
C GLY A 194 9.35 -15.12 -13.49
N ASP A 195 9.40 -14.91 -12.18
CA ASP A 195 10.68 -14.71 -11.50
C ASP A 195 11.08 -15.98 -10.75
N LYS A 196 12.32 -16.02 -10.28
CA LYS A 196 12.89 -17.24 -9.71
C LYS A 196 12.48 -17.50 -8.27
N LYS A 197 12.34 -16.46 -7.47
CA LYS A 197 12.01 -16.60 -6.07
C LYS A 197 10.56 -16.22 -5.78
N HIS A 198 9.92 -16.95 -4.88
CA HIS A 198 8.53 -16.71 -4.55
C HIS A 198 8.38 -16.54 -3.04
N TYR A 199 7.55 -15.56 -2.65
CA TYR A 199 7.38 -15.18 -1.27
C TYR A 199 5.89 -15.20 -0.87
N PRO A 200 5.61 -15.45 0.43
CA PRO A 200 4.26 -15.39 0.93
C PRO A 200 3.67 -13.98 0.83
N ILE A 201 2.37 -13.92 0.58
CA ILE A 201 1.63 -12.64 0.56
C ILE A 201 0.80 -12.49 1.85
N ALA A 202 0.43 -13.61 2.47
CA ALA A 202 -0.40 -13.54 3.68
C ALA A 202 0.28 -12.69 4.76
N PHE A 203 -0.45 -11.68 5.26
CA PHE A 203 0.07 -10.77 6.28
C PHE A 203 1.38 -10.09 5.90
N ASN A 204 1.53 -9.80 4.61
CA ASN A 204 2.76 -9.23 4.07
C ASN A 204 2.44 -8.11 3.08
N ALA A 205 3.47 -7.32 2.76
CA ALA A 205 3.39 -6.30 1.72
C ALA A 205 4.61 -6.46 0.84
N LEU A 206 4.42 -6.86 -0.41
CA LEU A 206 5.53 -7.21 -1.30
C LEU A 206 5.77 -6.08 -2.28
N PRO A 207 6.90 -5.36 -2.15
CA PRO A 207 7.23 -4.24 -3.03
C PRO A 207 7.80 -4.70 -4.39
N GLN A 208 7.16 -5.70 -4.98
CA GLN A 208 7.52 -6.19 -6.31
C GLN A 208 6.27 -6.67 -7.04
N ILE A 209 6.00 -6.05 -8.19
CA ILE A 209 4.99 -6.53 -9.11
C ILE A 209 5.66 -6.60 -10.48
N ASP A 210 5.52 -7.74 -11.14
CA ASP A 210 6.29 -8.08 -12.36
C ASP A 210 7.78 -8.18 -12.02
N VAL A 211 8.62 -8.40 -13.02
CA VAL A 211 10.06 -8.54 -12.82
C VAL A 211 10.71 -7.15 -12.80
N PHE A 212 11.96 -7.09 -12.34
CA PHE A 212 12.73 -5.84 -12.34
C PHE A 212 13.28 -5.52 -13.71
N THR A 213 13.35 -4.21 -14.02
CA THR A 213 14.00 -3.75 -15.25
C THR A 213 15.41 -3.33 -14.89
N ASP A 214 16.17 -2.93 -15.90
CA ASP A 214 17.56 -2.47 -15.73
C ASP A 214 17.75 -1.18 -14.94
N ASN A 215 16.69 -0.39 -14.74
CA ASN A 215 16.83 0.86 -13.96
C ASN A 215 16.40 0.71 -12.49
N ASP A 216 16.18 -0.54 -12.05
CA ASP A 216 15.80 -0.90 -10.68
C ASP A 216 14.34 -0.61 -10.31
N TYR A 217 13.57 -0.08 -11.25
CA TYR A 217 12.11 -0.07 -11.12
C TYR A 217 11.62 -1.37 -11.72
N THR A 218 10.47 -1.85 -11.27
CA THR A 218 9.88 -3.03 -11.89
C THR A 218 9.17 -2.67 -13.18
N TYR A 219 8.83 -3.69 -13.94
CA TYR A 219 8.04 -3.52 -15.16
C TYR A 219 6.69 -2.88 -14.87
N GLU A 220 6.08 -3.24 -13.76
CA GLU A 220 4.78 -2.66 -13.40
C GLU A 220 4.93 -1.15 -13.19
N GLU A 221 5.98 -0.74 -12.49
CA GLU A 221 6.21 0.67 -12.20
C GLU A 221 6.48 1.45 -13.49
N MET A 222 7.24 0.84 -14.40
CA MET A 222 7.59 1.50 -15.65
C MET A 222 6.42 1.53 -16.61
N LYS A 223 5.53 0.53 -16.53
CA LYS A 223 4.28 0.59 -17.28
C LYS A 223 3.44 1.81 -16.88
N MET A 224 3.32 2.07 -15.58
CA MET A 224 2.55 3.24 -15.12
C MET A 224 3.14 4.53 -15.69
N THR A 225 4.47 4.62 -15.65
CA THR A 225 5.19 5.76 -16.24
C THR A 225 4.94 5.95 -17.73
N LYS A 226 5.21 4.91 -18.52
CA LYS A 226 5.13 5.01 -19.98
C LYS A 226 3.70 5.10 -20.49
N GLU A 227 2.80 4.32 -19.87
CA GLU A 227 1.41 4.33 -20.28
C GLU A 227 0.74 5.68 -20.00
N THR A 228 1.06 6.30 -18.87
CA THR A 228 0.53 7.63 -18.55
C THR A 228 0.88 8.64 -19.64
N LYS A 229 2.14 8.65 -20.05
CA LYS A 229 2.62 9.64 -21.03
C LYS A 229 1.91 9.43 -22.37
N LYS A 230 1.71 8.18 -22.76
CA LYS A 230 1.03 7.85 -24.02
C LYS A 230 -0.46 8.19 -23.99
N ILE A 231 -1.18 7.76 -22.95
CA ILE A 231 -2.61 8.04 -22.80
C ILE A 231 -2.92 9.55 -22.74
N MET A 232 -2.13 10.28 -21.96
CA MET A 232 -2.35 11.73 -21.82
C MET A 232 -1.66 12.53 -22.93
N GLU A 233 -0.95 11.83 -23.82
CA GLU A 233 -0.30 12.44 -24.99
C GLU A 233 0.63 13.56 -24.61
N ASP A 234 1.41 13.32 -23.55
CA ASP A 234 2.30 14.32 -23.03
C ASP A 234 3.50 13.66 -22.36
N ASP A 235 4.60 13.57 -23.09
CA ASP A 235 5.84 13.01 -22.59
C ASP A 235 6.52 13.85 -21.51
N SER A 236 6.08 15.09 -21.32
CA SER A 236 6.65 15.96 -20.30
C SER A 236 6.12 15.68 -18.89
N ILE A 237 5.08 14.86 -18.75
CA ILE A 237 4.57 14.52 -17.42
C ILE A 237 5.57 13.56 -16.79
N ALA A 238 6.21 14.01 -15.69
CA ALA A 238 7.12 13.15 -14.93
C ALA A 238 6.29 12.17 -14.10
N VAL A 239 6.60 10.89 -14.19
CA VAL A 239 5.87 9.86 -13.43
C VAL A 239 6.84 8.86 -12.84
N SER A 240 6.79 8.70 -11.53
CA SER A 240 7.58 7.68 -10.82
C SER A 240 6.67 6.93 -9.84
N ALA A 241 6.76 5.60 -9.86
CA ALA A 241 5.85 4.74 -9.11
C ALA A 241 6.57 3.71 -8.24
N THR A 242 5.89 3.35 -7.15
CA THR A 242 6.24 2.18 -6.34
C THR A 242 5.01 1.29 -6.31
N CYS A 243 5.14 0.04 -6.78
CA CYS A 243 3.99 -0.86 -6.89
C CYS A 243 4.12 -2.02 -5.89
N VAL A 244 3.12 -2.16 -5.03
CA VAL A 244 3.19 -3.09 -3.90
C VAL A 244 1.96 -3.99 -3.91
N ARG A 245 2.19 -5.28 -3.78
CA ARG A 245 1.12 -6.25 -3.59
C ARG A 245 0.77 -6.37 -2.11
N ILE A 246 -0.52 -6.35 -1.80
CA ILE A 246 -1.00 -6.52 -0.43
C ILE A 246 -2.07 -7.62 -0.39
N PRO A 247 -2.41 -8.12 0.81
CA PRO A 247 -3.39 -9.22 0.92
C PRO A 247 -4.83 -8.74 0.75
N VAL A 248 -5.15 -8.30 -0.45
CA VAL A 248 -6.51 -7.95 -0.87
C VAL A 248 -6.82 -8.82 -2.07
N LEU A 249 -8.03 -9.36 -2.16
CA LEU A 249 -8.34 -10.28 -3.26
C LEU A 249 -8.66 -9.51 -4.53
N SER A 250 -9.50 -8.48 -4.43
CA SER A 250 -9.82 -7.64 -5.58
C SER A 250 -9.97 -6.17 -5.16
N ALA A 251 -9.66 -5.31 -6.13
CA ALA A 251 -9.66 -3.85 -6.06
C ALA A 251 -8.31 -3.30 -5.67
N HIS A 252 -7.75 -2.45 -6.54
CA HIS A 252 -6.49 -1.77 -6.30
C HIS A 252 -6.76 -0.44 -5.66
N SER A 253 -5.90 -0.06 -4.73
CA SER A 253 -5.90 1.28 -4.17
C SER A 253 -4.57 1.96 -4.47
N GLU A 254 -4.58 3.29 -4.55
CA GLU A 254 -3.40 4.08 -4.91
C GLU A 254 -3.37 5.36 -4.11
N SER A 255 -2.22 5.63 -3.48
CA SER A 255 -1.92 6.91 -2.88
C SER A 255 -1.22 7.71 -3.97
N VAL A 256 -1.91 8.74 -4.46
CA VAL A 256 -1.46 9.44 -5.65
C VAL A 256 -1.11 10.87 -5.27
N TYR A 257 0.11 11.28 -5.61
CA TYR A 257 0.56 12.67 -5.46
C TYR A 257 0.76 13.29 -6.83
N ILE A 258 0.25 14.49 -7.02
CA ILE A 258 0.46 15.21 -8.26
C ILE A 258 0.90 16.63 -7.97
N GLU A 259 1.59 17.23 -8.93
CA GLU A 259 1.73 18.68 -8.97
C GLU A 259 1.16 19.12 -10.29
N THR A 260 0.21 20.06 -10.23
CA THR A 260 -0.40 20.60 -11.44
C THR A 260 0.48 21.68 -12.05
N LYS A 261 0.11 22.14 -13.25
CA LYS A 261 0.84 23.25 -13.90
C LYS A 261 0.40 24.59 -13.34
N GLU A 262 -0.90 24.73 -13.09
CA GLU A 262 -1.46 25.91 -12.43
C GLU A 262 -2.04 25.48 -11.11
N VAL A 263 -2.03 26.37 -10.12
CA VAL A 263 -2.69 26.08 -8.85
C VAL A 263 -4.14 25.71 -9.12
N ALA A 264 -4.57 24.59 -8.54
CA ALA A 264 -5.94 24.11 -8.68
C ALA A 264 -6.64 24.22 -7.34
N PRO A 265 -7.66 25.10 -7.22
CA PRO A 265 -8.38 25.18 -5.94
C PRO A 265 -8.90 23.79 -5.54
N ILE A 266 -8.70 23.37 -4.29
CA ILE A 266 -8.94 21.95 -3.92
C ILE A 266 -10.40 21.54 -3.99
N GLU A 267 -11.32 22.45 -3.67
CA GLU A 267 -12.74 22.13 -3.81
C GLU A 267 -13.18 22.04 -5.28
N GLU A 268 -12.54 22.82 -6.15
CA GLU A 268 -12.77 22.70 -7.60
C GLU A 268 -12.20 21.40 -8.16
N VAL A 269 -11.08 20.94 -7.61
CA VAL A 269 -10.53 19.63 -7.97
C VAL A 269 -11.55 18.52 -7.64
N LYS A 270 -12.12 18.58 -6.44
CA LYS A 270 -13.15 17.64 -6.04
C LYS A 270 -14.35 17.70 -7.00
N ALA A 271 -14.79 18.90 -7.34
CA ALA A 271 -15.90 19.08 -8.28
C ALA A 271 -15.59 18.56 -9.68
N ALA A 272 -14.38 18.80 -10.16
CA ALA A 272 -13.96 18.34 -11.49
C ALA A 272 -13.94 16.81 -11.57
N ILE A 273 -13.45 16.18 -10.51
CA ILE A 273 -13.44 14.72 -10.45
C ILE A 273 -14.87 14.17 -10.39
N ALA A 274 -15.72 14.75 -9.53
CA ALA A 274 -17.13 14.38 -9.43
C ALA A 274 -17.84 14.48 -10.79
N ALA A 275 -17.52 15.52 -11.53
CA ALA A 275 -18.11 15.79 -12.83
C ALA A 275 -17.62 14.87 -13.95
N PHE A 276 -16.53 14.13 -13.72
CA PHE A 276 -15.90 13.37 -14.78
C PHE A 276 -16.51 11.98 -14.91
N PRO A 277 -16.96 11.60 -16.13
CA PRO A 277 -17.63 10.30 -16.25
C PRO A 277 -16.70 9.14 -15.91
N GLY A 278 -17.21 8.17 -15.16
CA GLY A 278 -16.39 7.03 -14.73
C GLY A 278 -15.70 7.21 -13.38
N ALA A 279 -15.60 8.46 -12.92
CA ALA A 279 -15.06 8.78 -11.59
C ALA A 279 -16.18 9.16 -10.62
N VAL A 280 -16.10 8.66 -9.39
CA VAL A 280 -17.07 9.01 -8.36
C VAL A 280 -16.32 9.63 -7.19
N LEU A 281 -16.73 10.84 -6.80
CA LEU A 281 -16.18 11.49 -5.63
C LEU A 281 -16.77 10.87 -4.37
N GLU A 282 -15.91 10.28 -3.54
CA GLU A 282 -16.30 9.78 -2.24
C GLU A 282 -15.37 10.41 -1.24
N ASP A 283 -15.77 11.56 -0.72
CA ASP A 283 -14.84 12.37 0.04
C ASP A 283 -15.60 13.27 1.03
N ASP A 284 -15.75 12.77 2.25
CA ASP A 284 -16.40 13.53 3.34
C ASP A 284 -15.80 13.01 4.64
N VAL A 285 -14.63 13.55 4.97
CA VAL A 285 -13.84 13.03 6.07
C VAL A 285 -14.52 13.26 7.43
N ALA A 286 -15.33 14.31 7.54
CA ALA A 286 -16.13 14.54 8.74
C ALA A 286 -17.01 13.34 9.06
N HIS A 287 -17.41 12.59 8.04
CA HIS A 287 -18.21 11.38 8.21
C HIS A 287 -17.43 10.13 7.79
N GLN A 288 -16.10 10.21 7.80
CA GLN A 288 -15.23 9.07 7.48
C GLN A 288 -15.58 8.43 6.14
N ILE A 289 -15.86 9.26 5.14
CA ILE A 289 -16.19 8.79 3.80
C ILE A 289 -14.97 8.91 2.91
N TYR A 290 -14.53 7.76 2.39
CA TYR A 290 -13.39 7.68 1.47
C TYR A 290 -13.49 6.34 0.75
N PRO A 291 -12.85 6.24 -0.42
CA PRO A 291 -12.87 4.97 -1.15
C PRO A 291 -12.27 3.80 -0.36
N GLN A 292 -12.91 2.65 -0.44
CA GLN A 292 -12.39 1.40 0.14
C GLN A 292 -12.47 0.24 -0.83
N ALA A 293 -11.39 -0.52 -0.94
CA ALA A 293 -11.35 -1.68 -1.82
C ALA A 293 -12.57 -2.58 -1.64
N ILE A 294 -12.92 -2.92 -0.40
CA ILE A 294 -14.02 -3.89 -0.20
C ILE A 294 -15.38 -3.38 -0.71
N ASN A 295 -15.57 -2.07 -0.76
CA ASN A 295 -16.81 -1.49 -1.29
C ASN A 295 -16.83 -1.26 -2.81
N ALA A 296 -15.65 -1.25 -3.44
CA ALA A 296 -15.54 -0.98 -4.87
C ALA A 296 -15.66 -2.26 -5.73
N VAL A 297 -15.47 -3.43 -5.12
CA VAL A 297 -15.53 -4.69 -5.85
C VAL A 297 -16.92 -4.86 -6.48
N GLY A 298 -16.94 -5.17 -7.77
CA GLY A 298 -18.20 -5.36 -8.49
C GLY A 298 -18.75 -4.12 -9.17
N SER A 299 -18.14 -2.96 -8.95
CA SER A 299 -18.55 -1.73 -9.61
C SER A 299 -17.57 -1.34 -10.72
N ARG A 300 -18.11 -0.80 -11.81
CA ARG A 300 -17.31 -0.31 -12.93
C ARG A 300 -16.73 1.09 -12.68
N ASP A 301 -17.19 1.79 -11.65
CA ASP A 301 -16.73 3.16 -11.37
C ASP A 301 -15.37 3.15 -10.70
N THR A 302 -14.70 4.28 -10.79
CA THR A 302 -13.44 4.52 -10.08
C THR A 302 -13.72 5.53 -8.98
N PHE A 303 -13.29 5.22 -7.76
CA PHE A 303 -13.63 6.02 -6.58
C PHE A 303 -12.44 6.82 -6.07
N VAL A 304 -12.68 8.10 -5.80
CA VAL A 304 -11.60 9.04 -5.48
C VAL A 304 -11.97 9.84 -4.25
N GLY A 305 -11.06 9.86 -3.28
CA GLY A 305 -11.21 10.66 -2.08
C GLY A 305 -9.88 10.99 -1.44
N ARG A 306 -9.92 11.28 -0.14
CA ARG A 306 -8.78 11.82 0.59
C ARG A 306 -8.10 12.99 -0.14
N ILE A 307 -8.86 13.74 -0.94
CA ILE A 307 -8.30 14.79 -1.76
C ILE A 307 -7.92 15.99 -0.89
N ARG A 308 -6.67 16.41 -0.95
CA ARG A 308 -6.18 17.49 -0.09
C ARG A 308 -4.89 18.09 -0.63
N LYS A 309 -4.64 19.35 -0.29
CA LYS A 309 -3.42 20.03 -0.74
C LYS A 309 -2.22 19.46 -0.03
N ASP A 310 -1.08 19.46 -0.72
CA ASP A 310 0.19 19.23 -0.05
C ASP A 310 0.36 20.29 1.04
N LEU A 311 0.99 19.92 2.15
CA LEU A 311 1.21 20.88 3.23
C LEU A 311 2.20 21.99 2.87
N ASP A 312 3.01 21.79 1.83
CA ASP A 312 4.07 22.75 1.49
C ASP A 312 4.14 23.17 0.03
N ALA A 313 3.98 22.23 -0.89
CA ALA A 313 4.03 22.51 -2.32
C ALA A 313 2.71 23.14 -2.78
N GLU A 314 2.79 24.38 -3.26
CA GLU A 314 1.61 25.16 -3.63
C GLU A 314 0.73 24.45 -4.67
N LYS A 315 1.37 23.77 -5.62
CA LYS A 315 0.66 23.06 -6.68
C LYS A 315 0.49 21.55 -6.43
N GLY A 316 0.87 21.09 -5.25
CA GLY A 316 0.79 19.68 -4.91
C GLY A 316 -0.54 19.26 -4.33
N ILE A 317 -0.98 18.06 -4.70
CA ILE A 317 -2.28 17.52 -4.29
C ILE A 317 -2.09 16.03 -4.05
N HIS A 318 -2.65 15.54 -2.96
CA HIS A 318 -2.67 14.11 -2.63
C HIS A 318 -4.11 13.58 -2.74
N MET A 319 -4.26 12.30 -3.09
CA MET A 319 -5.56 11.68 -3.14
C MET A 319 -5.44 10.16 -3.05
N TRP A 320 -6.58 9.52 -2.92
CA TRP A 320 -6.69 8.06 -2.76
C TRP A 320 -7.71 7.60 -3.79
N VAL A 321 -7.26 6.67 -4.64
CA VAL A 321 -8.02 6.21 -5.79
C VAL A 321 -8.19 4.69 -5.69
N VAL A 322 -9.43 4.21 -5.83
CA VAL A 322 -9.75 2.76 -5.74
C VAL A 322 -10.65 2.35 -6.90
N SER A 323 -10.34 1.21 -7.53
CA SER A 323 -11.23 0.62 -8.48
C SER A 323 -11.03 -0.91 -8.52
N ASP A 324 -12.08 -1.61 -8.92
CA ASP A 324 -12.01 -3.07 -9.12
C ASP A 324 -11.02 -3.33 -10.27
N ASN A 325 -9.91 -3.98 -9.96
CA ASN A 325 -8.83 -4.18 -10.94
C ASN A 325 -9.20 -5.12 -12.08
N LEU A 326 -10.21 -5.96 -11.88
CA LEU A 326 -10.68 -6.85 -12.94
C LEU A 326 -11.80 -6.26 -13.78
N LEU A 327 -12.45 -5.20 -13.29
CA LEU A 327 -13.48 -4.51 -14.04
C LEU A 327 -12.90 -3.31 -14.79
N LYS A 328 -12.95 -2.11 -14.22
CA LYS A 328 -12.37 -0.97 -14.94
C LYS A 328 -10.87 -1.18 -15.22
N GLY A 329 -10.19 -1.92 -14.35
CA GLY A 329 -8.80 -2.25 -14.55
C GLY A 329 -8.50 -3.23 -15.66
N ALA A 330 -9.52 -3.91 -16.19
CA ALA A 330 -9.29 -4.92 -17.22
C ALA A 330 -10.55 -5.22 -18.08
N ALA A 331 -11.44 -6.08 -17.58
CA ALA A 331 -12.56 -6.56 -18.39
C ALA A 331 -13.55 -5.46 -18.81
N TRP A 332 -13.93 -4.60 -17.87
CA TRP A 332 -14.84 -3.51 -18.21
C TRP A 332 -14.18 -2.49 -19.15
N ASN A 333 -12.94 -2.12 -18.93
CA ASN A 333 -12.28 -1.17 -19.85
C ASN A 333 -12.22 -1.76 -21.28
N SER A 334 -11.95 -3.06 -21.39
CA SER A 334 -11.90 -3.72 -22.70
C SER A 334 -13.28 -3.74 -23.38
N VAL A 335 -14.31 -4.15 -22.63
CA VAL A 335 -15.67 -4.21 -23.18
C VAL A 335 -16.15 -2.80 -23.54
N GLN A 336 -15.83 -1.83 -22.69
CA GLN A 336 -16.16 -0.43 -22.96
C GLN A 336 -15.48 0.07 -24.25
N ILE A 337 -14.22 -0.32 -24.48
CA ILE A 337 -13.55 -0.05 -25.76
C ILE A 337 -14.32 -0.64 -26.93
N ALA A 338 -14.70 -1.93 -26.82
CA ALA A 338 -15.51 -2.58 -27.83
C ALA A 338 -16.83 -1.85 -28.09
N GLU A 339 -17.55 -1.45 -27.04
CA GLU A 339 -18.77 -0.67 -27.20
C GLU A 339 -18.50 0.64 -27.91
N THR A 340 -17.39 1.29 -27.57
CA THR A 340 -17.05 2.58 -28.16
C THR A 340 -16.71 2.41 -29.64
N LEU A 341 -16.00 1.33 -29.97
CA LEU A 341 -15.72 1.00 -31.38
C LEU A 341 -17.01 0.79 -32.18
N HIS A 342 -17.94 0.04 -31.62
CA HIS A 342 -19.26 -0.15 -32.21
C HIS A 342 -19.98 1.18 -32.43
N GLU A 343 -20.06 1.96 -31.36
CA GLU A 343 -20.78 3.24 -31.40
C GLU A 343 -20.20 4.25 -32.40
N ARG A 344 -18.89 4.19 -32.65
CA ARG A 344 -18.23 5.13 -33.56
C ARG A 344 -17.93 4.54 -34.94
N GLY A 345 -18.54 3.39 -35.23
CA GLY A 345 -18.42 2.78 -36.56
C GLY A 345 -17.01 2.35 -36.92
N LEU A 346 -16.26 1.87 -35.92
CA LEU A 346 -14.85 1.51 -36.12
C LEU A 346 -14.58 0.01 -36.15
N VAL A 347 -15.64 -0.79 -36.11
CA VAL A 347 -15.49 -2.25 -36.20
C VAL A 347 -15.49 -2.62 -37.67
N ARG A 348 -14.31 -2.62 -38.26
CA ARG A 348 -14.17 -3.02 -39.66
C ARG A 348 -12.74 -3.46 -39.91
N PRO A 349 -12.56 -4.36 -40.89
CA PRO A 349 -11.21 -4.85 -41.17
C PRO A 349 -10.26 -3.72 -41.55
N THR A 350 -8.97 -3.90 -41.24
CA THR A 350 -7.95 -2.92 -41.60
C THR A 350 -7.35 -3.26 -42.98
N ALA A 351 -6.93 -2.24 -43.71
CA ALA A 351 -6.45 -2.38 -45.08
C ALA A 351 -5.07 -3.02 -45.17
N GLU A 352 -4.15 -2.55 -44.33
CA GLU A 352 -2.76 -2.97 -44.35
C GLU A 352 -2.37 -3.61 -43.02
N LEU A 353 -1.62 -4.72 -43.06
CA LEU A 353 -1.10 -5.34 -41.85
C LEU A 353 0.15 -4.61 -41.34
N LYS A 354 0.10 -4.14 -40.10
CA LYS A 354 1.21 -3.40 -39.50
C LYS A 354 1.93 -4.14 -38.39
N PHE A 355 1.54 -5.38 -38.14
CA PHE A 355 2.09 -6.14 -37.01
C PHE A 355 2.80 -7.41 -37.45
N GLU A 356 3.99 -7.59 -36.87
CA GLU A 356 4.86 -8.70 -37.17
C GLU A 356 4.18 -10.03 -36.93
N LEU A 357 4.27 -10.93 -37.91
CA LEU A 357 3.76 -12.30 -37.76
C LEU A 357 4.86 -13.14 -37.17
N LYS A 358 4.58 -13.81 -36.06
CA LYS A 358 5.62 -14.48 -35.28
C LYS A 358 5.60 -16.00 -35.40
N LEU A 359 4.66 -16.54 -36.18
CA LEU A 359 4.51 -17.99 -36.29
C LEU A 359 4.59 -18.48 -37.75
N GLU A 360 5.34 -17.79 -38.59
CA GLU A 360 5.44 -18.17 -40.00
C GLU A 360 6.12 -19.54 -40.18
N HIS A 361 6.96 -19.92 -39.21
CA HIS A 361 7.48 -21.29 -39.16
C HIS A 361 6.32 -22.27 -38.98
N GLY B 2 20.50 -1.58 41.30
CA GLY B 2 19.72 -1.49 40.03
C GLY B 2 18.53 -0.57 40.18
N TYR B 3 17.64 -0.64 39.20
CA TYR B 3 16.46 0.22 39.18
C TYR B 3 15.16 -0.52 39.53
N THR B 4 14.21 0.25 40.07
CA THR B 4 12.82 -0.19 40.12
C THR B 4 12.14 0.38 38.87
N VAL B 5 11.56 -0.52 38.08
CA VAL B 5 10.96 -0.16 36.79
C VAL B 5 9.49 -0.54 36.79
N ALA B 6 8.66 0.39 36.35
CA ALA B 6 7.23 0.16 36.22
C ALA B 6 6.85 0.20 34.75
N VAL B 7 6.05 -0.79 34.33
CA VAL B 7 5.40 -0.76 33.02
C VAL B 7 3.91 -0.44 33.20
N VAL B 8 3.51 0.75 32.75
CA VAL B 8 2.12 1.21 32.83
C VAL B 8 1.45 0.87 31.51
N GLY B 9 0.45 -0.01 31.59
CA GLY B 9 -0.15 -0.64 30.41
C GLY B 9 0.50 -1.97 30.07
N ALA B 10 0.87 -2.73 31.10
CA ALA B 10 1.64 -3.97 30.92
C ALA B 10 0.90 -5.06 30.18
N THR B 11 -0.43 -5.01 30.24
CA THR B 11 -1.30 -6.03 29.68
C THR B 11 -1.64 -5.82 28.19
N GLY B 12 -1.26 -4.69 27.61
CA GLY B 12 -1.59 -4.37 26.21
C GLY B 12 -0.60 -4.93 25.19
N ALA B 13 -0.85 -4.62 23.91
CA ALA B 13 0.02 -5.06 22.81
C ALA B 13 1.44 -4.54 22.96
N VAL B 14 1.57 -3.24 23.19
CA VAL B 14 2.88 -2.63 23.41
C VAL B 14 3.47 -3.10 24.75
N GLY B 15 2.63 -3.13 25.78
CA GLY B 15 3.04 -3.59 27.11
C GLY B 15 3.69 -4.96 27.12
N ALA B 16 3.09 -5.93 26.44
CA ALA B 16 3.64 -7.27 26.34
C ALA B 16 5.04 -7.26 25.71
N GLN B 17 5.26 -6.37 24.72
CA GLN B 17 6.58 -6.28 24.09
C GLN B 17 7.57 -5.48 24.94
N MET B 18 7.07 -4.53 25.72
CA MET B 18 7.89 -3.85 26.71
C MET B 18 8.47 -4.84 27.69
N ILE B 19 7.65 -5.79 28.13
CA ILE B 19 8.09 -6.85 29.04
C ILE B 19 9.20 -7.66 28.40
N LYS B 20 9.00 -8.04 27.15
CA LYS B 20 9.99 -8.81 26.40
C LYS B 20 11.30 -8.04 26.26
N MET B 21 11.20 -6.78 25.86
CA MET B 21 12.39 -5.94 25.68
C MET B 21 13.13 -5.72 26.99
N LEU B 22 12.39 -5.50 28.09
CA LEU B 22 13.01 -5.38 29.42
C LEU B 22 13.70 -6.65 29.89
N GLU B 23 13.08 -7.81 29.64
CA GLU B 23 13.68 -9.11 29.99
C GLU B 23 15.04 -9.30 29.29
N GLU B 24 15.13 -8.76 28.07
CA GLU B 24 16.34 -8.88 27.26
C GLU B 24 17.24 -7.63 27.34
N SER B 25 16.91 -6.71 28.23
CA SER B 25 17.59 -5.42 28.30
C SER B 25 18.91 -5.51 29.07
N THR B 26 19.78 -4.54 28.82
CA THR B 26 21.01 -4.36 29.62
C THR B 26 20.79 -3.41 30.81
N LEU B 27 19.55 -2.96 30.99
CA LEU B 27 19.17 -2.15 32.14
C LEU B 27 19.22 -3.03 33.41
N PRO B 28 19.94 -2.58 34.46
CA PRO B 28 19.96 -3.36 35.71
C PRO B 28 18.67 -3.16 36.50
N ILE B 29 17.84 -4.20 36.58
CA ILE B 29 16.53 -4.09 37.18
C ILE B 29 16.48 -4.90 38.48
N ASP B 30 16.33 -4.20 39.61
CA ASP B 30 16.17 -4.85 40.91
C ASP B 30 14.74 -5.28 41.16
N LYS B 31 13.79 -4.47 40.70
CA LYS B 31 12.37 -4.71 40.94
C LYS B 31 11.57 -4.27 39.72
N ILE B 32 10.57 -5.07 39.36
CA ILE B 32 9.71 -4.81 38.21
C ILE B 32 8.26 -4.72 38.73
N ARG B 33 7.51 -3.73 38.27
CA ARG B 33 6.12 -3.57 38.63
C ARG B 33 5.25 -3.42 37.38
N TYR B 34 4.10 -4.10 37.38
CA TYR B 34 3.18 -4.06 36.25
C TYR B 34 1.92 -3.33 36.64
N LEU B 35 1.66 -2.21 35.97
CA LEU B 35 0.47 -1.39 36.20
C LEU B 35 -0.47 -1.41 35.00
N ALA B 36 -1.78 -1.42 35.29
CA ALA B 36 -2.82 -1.34 34.25
C ALA B 36 -4.09 -0.73 34.87
N SER B 37 -5.27 -1.03 34.31
CA SER B 37 -6.53 -0.49 34.87
C SER B 37 -7.06 -1.39 35.98
N ALA B 38 -8.08 -0.89 36.69
CA ALA B 38 -8.68 -1.63 37.79
C ALA B 38 -9.11 -3.04 37.41
N ARG B 39 -9.60 -3.23 36.19
CA ARG B 39 -10.10 -4.56 35.80
C ARG B 39 -8.98 -5.59 35.53
N SER B 40 -7.74 -5.13 35.34
CA SER B 40 -6.60 -6.05 35.27
C SER B 40 -5.91 -6.30 36.62
N ALA B 41 -6.17 -5.43 37.60
CA ALA B 41 -5.58 -5.57 38.93
C ALA B 41 -5.86 -6.94 39.55
N GLY B 42 -4.86 -7.52 40.18
CA GLY B 42 -5.00 -8.83 40.83
C GLY B 42 -4.59 -9.99 39.95
N LYS B 43 -4.59 -9.81 38.64
CA LYS B 43 -4.09 -10.85 37.73
C LYS B 43 -2.57 -10.94 37.80
N SER B 44 -2.02 -11.98 37.16
CA SER B 44 -0.59 -12.24 37.16
C SER B 44 -0.01 -12.28 35.75
N LEU B 45 1.22 -11.78 35.62
CA LEU B 45 1.99 -11.83 34.37
C LEU B 45 3.44 -12.18 34.70
N LYS B 46 4.15 -12.80 33.77
CA LYS B 46 5.53 -13.20 33.99
C LYS B 46 6.49 -12.04 33.79
N PHE B 47 7.56 -12.02 34.61
CA PHE B 47 8.83 -11.39 34.25
C PHE B 47 9.88 -12.47 34.40
N LYS B 48 10.46 -12.87 33.26
CA LYS B 48 11.28 -14.08 33.18
C LYS B 48 10.51 -15.25 33.81
N ASP B 49 11.02 -15.87 34.86
CA ASP B 49 10.31 -16.98 35.50
C ASP B 49 9.44 -16.55 36.69
N GLN B 50 9.47 -15.27 37.06
CA GLN B 50 8.75 -14.78 38.24
C GLN B 50 7.34 -14.29 37.91
N ASP B 51 6.40 -14.57 38.80
CA ASP B 51 5.03 -14.09 38.66
C ASP B 51 4.91 -12.70 39.28
N ILE B 52 4.34 -11.76 38.52
CA ILE B 52 4.21 -10.38 38.95
C ILE B 52 2.73 -10.02 39.00
N THR B 53 2.28 -9.52 40.14
CA THR B 53 0.88 -9.12 40.28
C THR B 53 0.64 -7.78 39.62
N ILE B 54 -0.37 -7.71 38.74
CA ILE B 54 -0.73 -6.46 38.10
C ILE B 54 -1.43 -5.57 39.13
N GLU B 55 -1.05 -4.30 39.14
CA GLU B 55 -1.58 -3.32 40.07
C GLU B 55 -2.41 -2.28 39.32
N GLU B 56 -3.37 -1.69 40.01
CA GLU B 56 -4.13 -0.57 39.45
C GLU B 56 -3.24 0.67 39.41
N THR B 57 -3.31 1.40 38.31
CA THR B 57 -2.61 2.66 38.18
C THR B 57 -3.36 3.73 38.94
N THR B 58 -2.69 4.37 39.90
CA THR B 58 -3.28 5.43 40.70
C THR B 58 -2.28 6.56 40.87
N GLU B 59 -2.74 7.67 41.45
CA GLU B 59 -1.90 8.85 41.67
C GLU B 59 -0.79 8.59 42.70
N THR B 60 -0.95 7.55 43.51
CA THR B 60 0.01 7.23 44.57
C THR B 60 0.68 5.86 44.37
N ALA B 61 0.66 5.35 43.14
CA ALA B 61 1.21 4.02 42.86
C ALA B 61 2.69 4.06 42.45
N PHE B 62 3.26 5.25 42.33
CA PHE B 62 4.58 5.41 41.74
C PHE B 62 5.70 5.63 42.77
N GLU B 63 5.38 5.49 44.06
CA GLU B 63 6.38 5.64 45.10
C GLU B 63 7.41 4.51 44.99
N GLY B 64 8.68 4.86 45.02
CA GLY B 64 9.77 3.88 44.91
C GLY B 64 10.13 3.47 43.49
N VAL B 65 9.46 4.05 42.49
CA VAL B 65 9.75 3.73 41.10
C VAL B 65 10.82 4.69 40.57
N ASP B 66 11.84 4.14 39.92
CA ASP B 66 12.90 4.96 39.32
C ASP B 66 12.53 5.37 37.90
N ILE B 67 12.07 4.40 37.12
CA ILE B 67 11.72 4.59 35.72
C ILE B 67 10.34 4.01 35.46
N ALA B 68 9.47 4.79 34.83
CA ALA B 68 8.15 4.34 34.45
C ALA B 68 8.00 4.45 32.94
N LEU B 69 7.70 3.33 32.30
CA LEU B 69 7.41 3.28 30.86
C LEU B 69 5.89 3.26 30.66
N PHE B 70 5.36 4.34 30.08
CA PHE B 70 3.92 4.51 29.86
C PHE B 70 3.51 4.08 28.45
N SER B 71 2.63 3.08 28.37
CA SER B 71 2.00 2.72 27.11
C SER B 71 0.55 2.30 27.35
N ALA B 72 -0.23 3.22 27.91
CA ALA B 72 -1.61 2.94 28.30
C ALA B 72 -2.59 3.99 27.78
N GLY B 73 -2.24 4.67 26.70
CA GLY B 73 -3.11 5.69 26.09
C GLY B 73 -2.85 7.08 26.64
N SER B 74 -3.07 8.09 25.81
CA SER B 74 -2.81 9.48 26.16
C SER B 74 -3.49 9.92 27.44
N SER B 75 -4.72 9.44 27.63
CA SER B 75 -5.53 9.77 28.79
C SER B 75 -4.84 9.32 30.08
N THR B 76 -4.32 8.10 30.07
CA THR B 76 -3.62 7.57 31.23
C THR B 76 -2.35 8.37 31.50
N SER B 77 -1.63 8.75 30.45
CA SER B 77 -0.39 9.51 30.61
C SER B 77 -0.70 10.92 31.13
N ALA B 78 -1.69 11.58 30.54
CA ALA B 78 -2.08 12.93 30.97
C ALA B 78 -2.39 12.98 32.46
N LYS B 79 -3.11 11.97 32.93
CA LYS B 79 -3.57 11.92 34.32
C LYS B 79 -2.47 11.56 35.32
N TYR B 80 -1.69 10.52 35.04
CA TYR B 80 -0.78 9.95 36.05
C TYR B 80 0.71 10.30 35.89
N ALA B 81 1.16 10.61 34.67
CA ALA B 81 2.59 10.92 34.46
C ALA B 81 3.07 12.14 35.27
N PRO B 82 2.23 13.19 35.39
CA PRO B 82 2.61 14.32 36.25
C PRO B 82 2.85 13.93 37.71
N TYR B 83 2.02 13.02 38.24
CA TYR B 83 2.20 12.53 39.61
C TYR B 83 3.48 11.72 39.75
N ALA B 84 3.75 10.87 38.77
CA ALA B 84 5.02 10.12 38.71
C ALA B 84 6.23 11.07 38.74
N VAL B 85 6.22 12.07 37.86
CA VAL B 85 7.32 13.04 37.75
C VAL B 85 7.49 13.79 39.07
N LYS B 86 6.37 14.28 39.62
CA LYS B 86 6.35 14.92 40.94
C LYS B 86 7.07 14.06 41.99
N ALA B 87 6.78 12.76 42.00
CA ALA B 87 7.37 11.84 42.97
C ALA B 87 8.84 11.47 42.69
N GLY B 88 9.41 12.00 41.60
CA GLY B 88 10.82 11.78 41.27
C GLY B 88 11.06 10.64 40.29
N VAL B 89 10.00 10.16 39.63
CA VAL B 89 10.13 9.10 38.63
C VAL B 89 10.50 9.74 37.29
N VAL B 90 11.37 9.07 36.53
CA VAL B 90 11.64 9.48 35.16
C VAL B 90 10.72 8.67 34.27
N VAL B 91 9.93 9.38 33.45
CA VAL B 91 8.88 8.77 32.65
C VAL B 91 9.31 8.73 31.20
N VAL B 92 9.24 7.55 30.60
CA VAL B 92 9.37 7.42 29.15
C VAL B 92 7.96 7.11 28.63
N ASP B 93 7.40 8.05 27.87
CA ASP B 93 6.01 7.98 27.45
C ASP B 93 5.88 7.63 25.98
N ASN B 94 5.14 6.55 25.69
CA ASN B 94 4.91 6.07 24.32
C ASN B 94 3.72 6.71 23.60
N THR B 95 2.92 7.50 24.32
CA THR B 95 1.72 8.10 23.75
C THR B 95 2.07 9.45 23.12
N SER B 96 1.09 10.06 22.49
CA SER B 96 1.29 11.32 21.79
C SER B 96 1.12 12.55 22.69
N TYR B 97 0.71 12.36 23.94
CA TYR B 97 0.26 13.48 24.78
C TYR B 97 1.31 14.58 24.97
N PHE B 98 2.54 14.19 25.28
CA PHE B 98 3.60 15.15 25.58
C PHE B 98 4.55 15.43 24.41
N ARG B 99 4.32 14.81 23.26
CA ARG B 99 5.31 14.83 22.16
C ARG B 99 5.68 16.21 21.66
N GLN B 100 4.72 17.13 21.67
CA GLN B 100 4.94 18.49 21.14
C GLN B 100 5.12 19.53 22.24
N ASN B 101 5.30 19.08 23.48
CA ASN B 101 5.63 19.95 24.59
C ASN B 101 7.09 20.39 24.46
N PRO B 102 7.37 21.72 24.48
CA PRO B 102 8.74 22.19 24.27
C PRO B 102 9.75 21.81 25.36
N ASP B 103 9.25 21.40 26.55
CA ASP B 103 10.11 20.93 27.63
C ASP B 103 10.23 19.39 27.66
N VAL B 104 9.77 18.72 26.61
CA VAL B 104 9.82 17.25 26.56
C VAL B 104 10.62 16.82 25.32
N PRO B 105 11.79 16.19 25.54
CA PRO B 105 12.53 15.62 24.42
C PRO B 105 11.72 14.52 23.73
N LEU B 106 11.79 14.50 22.40
CA LEU B 106 11.10 13.52 21.56
C LEU B 106 12.20 12.75 20.86
N VAL B 107 12.46 11.52 21.28
CA VAL B 107 13.76 10.89 20.99
C VAL B 107 13.71 9.55 20.26
N VAL B 108 14.54 9.47 19.22
CA VAL B 108 14.99 8.22 18.61
C VAL B 108 16.49 8.17 18.91
N PRO B 109 16.95 7.27 19.79
CA PRO B 109 18.34 7.36 20.27
C PRO B 109 19.44 7.43 19.20
N GLU B 110 19.27 6.75 18.06
CA GLU B 110 20.29 6.81 16.99
C GLU B 110 20.39 8.17 16.33
N VAL B 111 19.32 8.97 16.44
CA VAL B 111 19.19 10.22 15.72
C VAL B 111 19.44 11.45 16.62
N ASN B 112 18.80 11.50 17.78
CA ASN B 112 18.90 12.70 18.64
C ASN B 112 18.98 12.38 20.12
N ALA B 113 19.79 11.40 20.47
CA ALA B 113 20.01 11.04 21.87
C ALA B 113 20.43 12.25 22.71
N HIS B 114 21.18 13.18 22.11
CA HIS B 114 21.61 14.40 22.80
C HIS B 114 20.47 15.17 23.47
N ALA B 115 19.28 15.15 22.85
CA ALA B 115 18.11 15.83 23.41
C ALA B 115 17.70 15.29 24.79
N LEU B 116 18.11 14.06 25.12
CA LEU B 116 17.84 13.49 26.44
C LEU B 116 18.46 14.30 27.58
N ASP B 117 19.55 15.01 27.30
CA ASP B 117 20.27 15.80 28.30
C ASP B 117 19.41 16.92 28.88
N ALA B 118 18.41 17.35 28.11
CA ALA B 118 17.56 18.47 28.51
C ALA B 118 16.25 18.05 29.19
N HIS B 119 16.12 16.79 29.57
CA HIS B 119 14.83 16.30 30.09
C HIS B 119 14.54 16.82 31.49
N ASN B 120 13.26 17.07 31.76
CA ASN B 120 12.78 17.55 33.07
C ASN B 120 11.82 16.55 33.70
N GLY B 121 12.03 15.26 33.42
CA GLY B 121 11.31 14.17 34.07
C GLY B 121 10.53 13.31 33.09
N ILE B 122 10.28 13.83 31.88
CA ILE B 122 9.52 13.10 30.85
C ILE B 122 10.27 13.08 29.53
N ILE B 123 10.41 11.89 28.97
CA ILE B 123 10.89 11.72 27.61
C ILE B 123 9.77 11.07 26.80
N ALA B 124 9.51 11.61 25.61
CA ALA B 124 8.50 11.05 24.72
C ALA B 124 9.11 10.16 23.64
N CYS B 125 8.51 9.00 23.47
CA CYS B 125 8.80 8.13 22.34
C CYS B 125 7.95 8.59 21.14
N PRO B 126 8.53 8.68 19.93
CA PRO B 126 7.67 9.13 18.84
C PRO B 126 6.69 8.06 18.35
N ASN B 127 5.83 8.45 17.41
CA ASN B 127 4.93 7.55 16.70
C ASN B 127 5.71 6.46 15.96
N CYS B 128 5.19 5.24 15.94
CA CYS B 128 5.85 4.10 15.31
C CYS B 128 6.27 4.34 13.85
N SER B 129 5.37 4.87 13.02
CA SER B 129 5.70 5.11 11.63
C SER B 129 6.79 6.17 11.48
N THR B 130 6.80 7.15 12.38
CA THR B 130 7.82 8.19 12.33
C THR B 130 9.20 7.62 12.66
N ILE B 131 9.27 6.77 13.68
CA ILE B 131 10.56 6.30 14.17
C ILE B 131 11.34 5.59 13.06
N GLN B 132 10.70 4.64 12.39
CA GLN B 132 11.41 3.88 11.36
C GLN B 132 11.83 4.77 10.19
N MET B 133 11.01 5.78 9.86
CA MET B 133 11.38 6.72 8.81
C MET B 133 12.62 7.54 9.17
N MET B 134 12.69 7.95 10.44
CA MET B 134 13.83 8.71 10.95
C MET B 134 15.13 7.89 10.93
N VAL B 135 15.05 6.61 11.26
CA VAL B 135 16.24 5.76 11.25
C VAL B 135 16.79 5.63 9.82
N ALA B 136 15.88 5.47 8.86
CA ALA B 136 16.25 5.35 7.45
C ALA B 136 16.79 6.65 6.87
N LEU B 137 16.25 7.80 7.28
CA LEU B 137 16.53 9.07 6.60
C LEU B 137 17.63 9.91 7.23
N GLU B 138 17.82 9.79 8.55
CA GLU B 138 18.88 10.56 9.21
C GLU B 138 20.28 10.42 8.55
N PRO B 139 20.71 9.20 8.21
CA PRO B 139 22.00 9.07 7.53
C PRO B 139 22.10 9.83 6.20
N VAL B 140 20.97 9.96 5.49
CA VAL B 140 20.93 10.72 4.26
C VAL B 140 20.96 12.22 4.56
N ARG B 141 20.17 12.66 5.55
CA ARG B 141 20.12 14.07 5.96
C ARG B 141 21.51 14.56 6.34
N GLN B 142 22.23 13.76 7.13
CA GLN B 142 23.58 14.11 7.58
C GLN B 142 24.54 14.47 6.45
N LYS B 143 24.44 13.77 5.32
CA LYS B 143 25.39 13.91 4.22
C LYS B 143 24.93 14.84 3.11
N TRP B 144 23.64 14.79 2.76
CA TRP B 144 23.14 15.56 1.63
C TRP B 144 21.95 16.45 1.90
N GLY B 145 21.48 16.48 3.15
CA GLY B 145 20.35 17.29 3.55
C GLY B 145 19.02 16.70 3.13
N LEU B 146 17.95 17.23 3.71
CA LEU B 146 16.59 16.85 3.30
C LEU B 146 15.76 18.10 3.06
N ASP B 147 15.25 18.23 1.85
CA ASP B 147 14.39 19.34 1.47
C ASP B 147 12.92 19.00 1.73
N ARG B 148 12.53 17.79 1.34
CA ARG B 148 11.14 17.36 1.53
C ARG B 148 11.02 15.85 1.60
N ILE B 149 9.91 15.42 2.19
CA ILE B 149 9.52 14.01 2.32
C ILE B 149 8.04 13.85 1.93
N ILE B 150 7.76 12.84 1.11
CA ILE B 150 6.39 12.43 0.84
C ILE B 150 6.36 10.95 1.14
N VAL B 151 5.46 10.52 2.03
CA VAL B 151 5.41 9.12 2.45
C VAL B 151 3.98 8.55 2.40
N SER B 152 3.87 7.31 1.93
CA SER B 152 2.62 6.57 1.97
C SER B 152 2.91 5.31 2.80
N THR B 153 2.13 5.08 3.85
CA THR B 153 2.40 3.96 4.76
C THR B 153 1.47 2.79 4.52
N TYR B 154 1.94 1.64 4.99
CA TYR B 154 1.29 0.35 4.86
C TYR B 154 1.37 -0.22 6.27
N GLN B 155 0.43 0.18 7.13
CA GLN B 155 0.55 -0.07 8.55
C GLN B 155 -0.23 -1.30 9.04
N ALA B 156 0.45 -2.07 9.88
CA ALA B 156 -0.08 -3.25 10.53
C ALA B 156 -1.09 -2.91 11.62
N VAL B 157 -1.96 -3.86 11.89
CA VAL B 157 -3.07 -3.64 12.82
C VAL B 157 -2.64 -3.65 14.30
N SER B 158 -1.54 -4.31 14.65
CA SER B 158 -1.11 -4.32 16.07
C SER B 158 -0.85 -2.93 16.62
N GLY B 159 -0.58 -1.97 15.75
CA GLY B 159 -0.48 -0.57 16.15
C GLY B 159 -1.74 -0.02 16.79
N ALA B 160 -2.89 -0.63 16.51
CA ALA B 160 -4.18 -0.20 17.07
C ALA B 160 -4.59 -0.97 18.34
N GLY B 161 -3.72 -1.88 18.81
CA GLY B 161 -3.93 -2.54 20.09
C GLY B 161 -4.35 -3.99 19.95
N MET B 162 -4.43 -4.68 21.08
CA MET B 162 -4.78 -6.10 21.11
C MET B 162 -6.16 -6.38 20.51
N GLY B 163 -7.13 -5.54 20.84
CA GLY B 163 -8.47 -5.65 20.28
C GLY B 163 -8.48 -5.64 18.75
N ALA B 164 -7.71 -4.73 18.15
CA ALA B 164 -7.59 -4.65 16.70
C ALA B 164 -7.00 -5.91 16.06
N ILE B 165 -6.03 -6.52 16.75
CA ILE B 165 -5.40 -7.75 16.23
C ILE B 165 -6.46 -8.85 16.17
N LEU B 166 -7.24 -8.95 17.23
CA LEU B 166 -8.23 -10.01 17.35
C LEU B 166 -9.43 -9.79 16.42
N GLU B 167 -9.84 -8.53 16.26
CA GLU B 167 -10.88 -8.17 15.29
C GLU B 167 -10.47 -8.55 13.88
N THR B 168 -9.21 -8.29 13.53
CA THR B 168 -8.67 -8.61 12.22
C THR B 168 -8.68 -10.12 11.96
N GLN B 169 -8.21 -10.89 12.94
CA GLN B 169 -8.19 -12.36 12.80
C GLN B 169 -9.59 -12.94 12.64
N ARG B 170 -10.54 -12.48 13.45
CA ARG B 170 -11.93 -12.96 13.36
C ARG B 170 -12.56 -12.62 12.01
N GLU B 171 -12.33 -11.39 11.55
CA GLU B 171 -12.86 -10.95 10.25
C GLU B 171 -12.34 -11.86 9.13
N LEU B 172 -11.04 -12.13 9.13
CA LEU B 172 -10.44 -12.97 8.08
C LEU B 172 -11.01 -14.39 8.10
N ARG B 173 -11.19 -14.94 9.30
CA ARG B 173 -11.78 -16.27 9.43
C ARG B 173 -13.20 -16.34 8.94
N GLU B 174 -13.99 -15.29 9.20
CA GLU B 174 -15.36 -15.24 8.71
C GLU B 174 -15.45 -15.26 7.18
N VAL B 175 -14.54 -14.55 6.52
CA VAL B 175 -14.52 -14.51 5.07
C VAL B 175 -14.10 -15.88 4.52
N LEU B 176 -12.98 -16.38 5.02
CA LEU B 176 -12.34 -17.57 4.45
C LEU B 176 -13.01 -18.88 4.83
N ASN B 177 -13.56 -18.94 6.05
CA ASN B 177 -14.18 -20.17 6.56
C ASN B 177 -15.71 -20.18 6.40
N ASP B 178 -16.35 -19.02 6.59
CA ASP B 178 -17.81 -18.92 6.53
C ASP B 178 -18.37 -18.35 5.23
N GLY B 179 -17.51 -17.78 4.39
CA GLY B 179 -17.94 -17.24 3.11
C GLY B 179 -18.56 -15.85 3.19
N VAL B 180 -18.35 -15.13 4.29
CA VAL B 180 -18.91 -13.79 4.42
C VAL B 180 -18.17 -12.84 3.48
N LYS B 181 -18.92 -12.00 2.76
CA LYS B 181 -18.31 -10.99 1.90
C LYS B 181 -17.62 -9.93 2.78
N PRO B 182 -16.40 -9.52 2.42
CA PRO B 182 -15.73 -8.51 3.25
C PRO B 182 -16.57 -7.28 3.58
N CYS B 183 -17.37 -6.79 2.62
CA CYS B 183 -18.18 -5.59 2.88
C CYS B 183 -19.33 -5.82 3.87
N ASP B 184 -19.68 -7.09 4.11
CA ASP B 184 -20.74 -7.45 5.07
C ASP B 184 -20.23 -7.75 6.48
N LEU B 185 -18.91 -7.68 6.69
CA LEU B 185 -18.33 -7.95 8.00
C LEU B 185 -18.71 -6.91 9.04
N HIS B 186 -18.95 -7.36 10.26
CA HIS B 186 -19.16 -6.47 11.41
C HIS B 186 -17.81 -6.05 12.00
N ALA B 187 -17.63 -4.76 12.23
CA ALA B 187 -16.40 -4.22 12.81
C ALA B 187 -16.75 -3.25 13.95
N GLU B 188 -15.91 -3.25 14.99
CA GLU B 188 -16.11 -2.45 16.21
C GLU B 188 -14.97 -1.48 16.56
N ILE B 189 -13.78 -1.68 15.96
CA ILE B 189 -12.59 -0.97 16.41
C ILE B 189 -11.94 -0.18 15.28
N LEU B 190 -11.47 -0.87 14.25
CA LEU B 190 -10.81 -0.21 13.15
C LEU B 190 -11.82 0.58 12.30
N PRO B 191 -11.37 1.66 11.64
CA PRO B 191 -10.00 2.20 11.58
C PRO B 191 -9.50 2.85 12.87
N SER B 192 -10.40 3.38 13.69
CA SER B 192 -10.03 4.17 14.85
C SER B 192 -11.03 3.95 15.98
N GLY B 193 -10.54 3.42 17.10
CA GLY B 193 -11.39 3.11 18.25
C GLY B 193 -12.22 4.28 18.71
N GLY B 194 -11.62 5.47 18.69
CA GLY B 194 -12.30 6.69 19.17
C GLY B 194 -13.09 7.48 18.15
N ASP B 195 -13.30 6.93 16.95
CA ASP B 195 -14.12 7.59 15.95
C ASP B 195 -15.49 6.89 15.88
N LYS B 196 -16.41 7.50 15.16
CA LYS B 196 -17.82 7.10 15.17
C LYS B 196 -18.14 5.85 14.35
N LYS B 197 -17.52 5.72 13.17
CA LYS B 197 -17.83 4.63 12.25
C LYS B 197 -16.69 3.65 12.23
N HIS B 198 -17.01 2.36 12.14
CA HIS B 198 -16.00 1.31 12.10
C HIS B 198 -16.16 0.48 10.85
N TYR B 199 -15.04 0.09 10.26
CA TYR B 199 -15.04 -0.60 8.98
C TYR B 199 -14.18 -1.85 9.03
N PRO B 200 -14.53 -2.87 8.22
CA PRO B 200 -13.69 -4.06 8.15
C PRO B 200 -12.29 -3.78 7.57
N ILE B 201 -11.29 -4.49 8.07
CA ILE B 201 -9.91 -4.41 7.57
C ILE B 201 -9.55 -5.63 6.72
N ALA B 202 -10.23 -6.76 6.95
CA ALA B 202 -9.98 -7.97 6.17
C ALA B 202 -10.10 -7.71 4.67
N PHE B 203 -9.08 -8.09 3.91
CA PHE B 203 -9.03 -7.88 2.44
C PHE B 203 -9.31 -6.43 2.02
N ASN B 204 -8.90 -5.49 2.86
CA ASN B 204 -9.16 -4.07 2.64
C ASN B 204 -7.90 -3.24 2.84
N ALA B 205 -7.98 -1.97 2.42
CA ALA B 205 -6.95 -1.00 2.71
C ALA B 205 -7.66 0.26 3.16
N LEU B 206 -7.49 0.61 4.41
CA LEU B 206 -8.23 1.72 5.02
C LEU B 206 -7.36 2.96 5.13
N PRO B 207 -7.66 3.99 4.33
CA PRO B 207 -6.88 5.23 4.35
C PRO B 207 -7.23 6.16 5.52
N GLN B 208 -7.28 5.60 6.72
CA GLN B 208 -7.52 6.38 7.94
C GLN B 208 -6.83 5.69 9.10
N ILE B 209 -5.91 6.41 9.72
CA ILE B 209 -5.33 6.01 10.99
C ILE B 209 -5.46 7.21 11.92
N ASP B 210 -6.02 6.96 13.10
CA ASP B 210 -6.43 8.01 14.04
C ASP B 210 -7.60 8.82 13.44
N VAL B 211 -8.01 9.88 14.10
CA VAL B 211 -9.12 10.71 13.60
C VAL B 211 -8.62 11.84 12.70
N PHE B 212 -9.54 12.46 11.98
CA PHE B 212 -9.19 13.56 11.10
C PHE B 212 -9.01 14.87 11.84
N THR B 213 -8.09 15.69 11.35
CA THR B 213 -7.88 17.07 11.80
C THR B 213 -8.60 18.03 10.85
N ASP B 214 -8.55 19.32 11.18
CA ASP B 214 -9.21 20.36 10.38
C ASP B 214 -8.64 20.56 8.97
N ASN B 215 -7.40 20.13 8.71
CA ASN B 215 -6.85 20.25 7.35
C ASN B 215 -7.06 19.02 6.44
N ASP B 216 -7.86 18.06 6.91
CA ASP B 216 -8.23 16.83 6.17
C ASP B 216 -7.13 15.77 6.10
N TYR B 217 -6.01 16.03 6.74
CA TYR B 217 -5.08 14.96 7.10
C TYR B 217 -5.50 14.41 8.46
N THR B 218 -5.21 13.13 8.69
CA THR B 218 -5.50 12.55 9.98
C THR B 218 -4.43 12.95 10.98
N TYR B 219 -4.71 12.73 12.25
CA TYR B 219 -3.71 13.00 13.30
C TYR B 219 -2.45 12.16 13.10
N GLU B 220 -2.59 10.93 12.60
CA GLU B 220 -1.41 10.10 12.33
C GLU B 220 -0.50 10.74 11.29
N GLU B 221 -1.09 11.23 10.21
CA GLU B 221 -0.34 11.89 9.15
C GLU B 221 0.34 13.17 9.66
N MET B 222 -0.38 13.96 10.46
CA MET B 222 0.20 15.18 11.02
C MET B 222 1.26 14.89 12.09
N LYS B 223 1.14 13.76 12.79
CA LYS B 223 2.19 13.34 13.71
C LYS B 223 3.50 13.09 12.95
N MET B 224 3.43 12.43 11.81
CA MET B 224 4.64 12.19 11.01
C MET B 224 5.28 13.52 10.57
N THR B 225 4.45 14.46 10.17
CA THR B 225 4.93 15.78 9.78
C THR B 225 5.63 16.50 10.93
N LYS B 226 4.92 16.67 12.04
CA LYS B 226 5.40 17.48 13.15
C LYS B 226 6.53 16.81 13.93
N GLU B 227 6.43 15.50 14.11
CA GLU B 227 7.46 14.77 14.87
C GLU B 227 8.78 14.74 14.09
N THR B 228 8.69 14.65 12.76
CA THR B 228 9.88 14.68 11.92
C THR B 228 10.63 15.98 12.13
N LYS B 229 9.88 17.08 12.08
CA LYS B 229 10.49 18.41 12.25
C LYS B 229 11.19 18.55 13.61
N LYS B 230 10.54 18.03 14.66
CA LYS B 230 11.10 18.11 16.02
C LYS B 230 12.32 17.23 16.20
N ILE B 231 12.23 15.98 15.76
CA ILE B 231 13.31 15.00 15.90
C ILE B 231 14.56 15.44 15.14
N MET B 232 14.37 15.91 13.91
CA MET B 232 15.49 16.34 13.09
C MET B 232 15.85 17.81 13.36
N GLU B 233 15.09 18.47 14.24
CA GLU B 233 15.35 19.84 14.66
C GLU B 233 15.47 20.81 13.47
N ASP B 234 14.51 20.69 12.55
CA ASP B 234 14.51 21.50 11.34
C ASP B 234 13.08 21.62 10.83
N ASP B 235 12.46 22.76 11.09
CA ASP B 235 11.09 23.06 10.65
C ASP B 235 10.99 23.33 9.14
N SER B 236 12.12 23.41 8.45
CA SER B 236 12.12 23.66 7.01
C SER B 236 11.94 22.38 6.18
N ILE B 237 12.02 21.22 6.81
CA ILE B 237 11.82 19.97 6.07
C ILE B 237 10.32 19.84 5.81
N ALA B 238 9.94 19.88 4.54
CA ALA B 238 8.55 19.76 4.15
C ALA B 238 8.16 18.29 4.24
N VAL B 239 7.08 17.99 4.95
CA VAL B 239 6.65 16.58 5.12
C VAL B 239 5.14 16.43 4.94
N SER B 240 4.73 15.58 4.00
CA SER B 240 3.31 15.27 3.84
C SER B 240 3.14 13.76 3.73
N ALA B 241 2.12 13.23 4.42
CA ALA B 241 1.92 11.78 4.56
C ALA B 241 0.50 11.33 4.22
N THR B 242 0.42 10.07 3.77
CA THR B 242 -0.82 9.34 3.67
C THR B 242 -0.62 8.04 4.45
N CYS B 243 -1.43 7.85 5.48
CA CYS B 243 -1.29 6.68 6.35
C CYS B 243 -2.44 5.70 6.16
N VAL B 244 -2.11 4.47 5.79
CA VAL B 244 -3.10 3.47 5.40
C VAL B 244 -2.91 2.21 6.24
N ARG B 245 -4.01 1.69 6.77
CA ARG B 245 -4.01 0.40 7.47
C ARG B 245 -4.24 -0.73 6.47
N ILE B 246 -3.45 -1.78 6.59
CA ILE B 246 -3.57 -2.93 5.71
C ILE B 246 -3.64 -4.20 6.55
N PRO B 247 -4.01 -5.33 5.93
CA PRO B 247 -4.18 -6.57 6.71
C PRO B 247 -2.86 -7.29 6.99
N VAL B 248 -2.04 -6.64 7.80
CA VAL B 248 -0.77 -7.18 8.28
C VAL B 248 -0.89 -7.12 9.79
N LEU B 249 -0.50 -8.18 10.50
CA LEU B 249 -0.63 -8.14 11.97
C LEU B 249 0.44 -7.28 12.64
N SER B 250 1.70 -7.53 12.29
CA SER B 250 2.80 -6.71 12.78
C SER B 250 3.78 -6.36 11.67
N ALA B 251 4.44 -5.21 11.87
CA ALA B 251 5.44 -4.63 11.00
C ALA B 251 4.82 -3.65 10.00
N HIS B 252 5.27 -2.39 10.09
CA HIS B 252 4.84 -1.33 9.19
C HIS B 252 5.80 -1.25 8.02
N SER B 253 5.23 -0.99 6.83
CA SER B 253 6.02 -0.70 5.63
C SER B 253 5.72 0.72 5.16
N GLU B 254 6.73 1.37 4.59
CA GLU B 254 6.59 2.73 4.09
C GLU B 254 7.25 2.91 2.72
N SER B 255 6.49 3.46 1.77
CA SER B 255 7.02 3.96 0.51
C SER B 255 7.41 5.42 0.75
N VAL B 256 8.72 5.68 0.71
CA VAL B 256 9.26 6.99 1.11
C VAL B 256 9.90 7.65 -0.10
N TYR B 257 9.47 8.87 -0.37
CA TYR B 257 10.11 9.73 -1.35
C TYR B 257 10.76 10.91 -0.65
N ILE B 258 11.99 11.20 -1.03
CA ILE B 258 12.66 12.38 -0.51
C ILE B 258 13.28 13.17 -1.65
N GLU B 259 13.48 14.46 -1.39
CA GLU B 259 14.38 15.27 -2.18
C GLU B 259 15.44 15.82 -1.23
N THR B 260 16.69 15.56 -1.57
CA THR B 260 17.83 16.05 -0.82
C THR B 260 18.18 17.48 -1.23
N LYS B 261 19.11 18.09 -0.50
CA LYS B 261 19.56 19.45 -0.82
C LYS B 261 20.69 19.42 -1.85
N GLU B 262 21.50 18.36 -1.79
CA GLU B 262 22.53 18.11 -2.78
C GLU B 262 22.29 16.75 -3.42
N VAL B 263 22.69 16.59 -4.67
CA VAL B 263 22.54 15.30 -5.36
C VAL B 263 23.33 14.23 -4.60
N ALA B 264 22.63 13.16 -4.23
CA ALA B 264 23.22 12.07 -3.46
C ALA B 264 23.32 10.83 -4.34
N PRO B 265 24.55 10.45 -4.77
CA PRO B 265 24.68 9.27 -5.62
C PRO B 265 24.06 8.05 -4.93
N ILE B 266 23.30 7.25 -5.69
CA ILE B 266 22.52 6.16 -5.10
C ILE B 266 23.38 5.14 -4.38
N GLU B 267 24.53 4.78 -4.94
CA GLU B 267 25.38 3.82 -4.24
C GLU B 267 25.95 4.37 -2.92
N GLU B 268 26.18 5.68 -2.86
CA GLU B 268 26.61 6.31 -1.62
C GLU B 268 25.46 6.37 -0.61
N VAL B 269 24.24 6.58 -1.10
CA VAL B 269 23.07 6.59 -0.23
C VAL B 269 22.91 5.21 0.42
N LYS B 270 22.99 4.18 -0.40
CA LYS B 270 22.94 2.80 0.07
C LYS B 270 24.01 2.52 1.15
N ALA B 271 25.24 2.94 0.89
CA ALA B 271 26.33 2.75 1.86
C ALA B 271 26.12 3.56 3.15
N ALA B 272 25.59 4.78 3.03
CA ALA B 272 25.32 5.61 4.21
C ALA B 272 24.26 4.99 5.11
N ILE B 273 23.20 4.46 4.51
CA ILE B 273 22.15 3.76 5.25
C ILE B 273 22.70 2.47 5.87
N ALA B 274 23.43 1.68 5.09
CA ALA B 274 24.07 0.48 5.64
C ALA B 274 24.98 0.80 6.84
N ALA B 275 25.68 1.93 6.79
CA ALA B 275 26.57 2.36 7.87
C ALA B 275 25.88 2.87 9.14
N PHE B 276 24.60 3.20 9.04
CA PHE B 276 23.89 3.85 10.15
C PHE B 276 23.40 2.82 11.17
N PRO B 277 23.79 2.97 12.44
CA PRO B 277 23.31 2.04 13.47
C PRO B 277 21.77 2.00 13.56
N GLY B 278 21.22 0.79 13.57
CA GLY B 278 19.76 0.61 13.62
C GLY B 278 19.08 0.42 12.26
N ALA B 279 19.79 0.75 11.19
CA ALA B 279 19.32 0.59 9.81
C ALA B 279 20.05 -0.57 9.17
N VAL B 280 19.33 -1.46 8.52
CA VAL B 280 19.94 -2.55 7.75
C VAL B 280 19.57 -2.39 6.29
N LEU B 281 20.59 -2.31 5.42
CA LEU B 281 20.38 -2.29 3.97
C LEU B 281 20.01 -3.70 3.47
N GLU B 282 18.85 -3.84 2.85
CA GLU B 282 18.43 -5.09 2.22
C GLU B 282 17.98 -4.75 0.82
N ASP B 283 18.89 -4.79 -0.14
CA ASP B 283 18.64 -4.15 -1.43
C ASP B 283 19.53 -4.81 -2.48
N ASP B 284 18.98 -5.82 -3.12
CA ASP B 284 19.64 -6.53 -4.22
C ASP B 284 18.52 -7.03 -5.12
N VAL B 285 18.02 -6.15 -5.97
CA VAL B 285 16.84 -6.50 -6.79
C VAL B 285 17.12 -7.60 -7.82
N ALA B 286 18.39 -7.78 -8.23
CA ALA B 286 18.75 -8.92 -9.09
C ALA B 286 18.41 -10.29 -8.48
N HIS B 287 18.33 -10.36 -7.15
CA HIS B 287 17.96 -11.58 -6.44
C HIS B 287 16.69 -11.36 -5.60
N GLN B 288 15.90 -10.35 -6.00
CA GLN B 288 14.61 -10.04 -5.37
C GLN B 288 14.73 -9.86 -3.86
N ILE B 289 15.78 -9.15 -3.44
CA ILE B 289 16.02 -8.86 -2.04
C ILE B 289 15.54 -7.44 -1.74
N TYR B 290 14.59 -7.36 -0.81
CA TYR B 290 14.03 -6.09 -0.36
C TYR B 290 13.40 -6.35 1.01
N PRO B 291 13.19 -5.29 1.80
CA PRO B 291 12.54 -5.49 3.09
C PRO B 291 11.10 -6.05 2.95
N GLN B 292 10.74 -6.99 3.83
CA GLN B 292 9.38 -7.55 3.89
C GLN B 292 8.86 -7.60 5.31
N ALA B 293 7.62 -7.13 5.50
CA ALA B 293 6.99 -7.15 6.83
C ALA B 293 7.13 -8.49 7.54
N ILE B 294 6.83 -9.59 6.87
CA ILE B 294 6.85 -10.89 7.54
C ILE B 294 8.23 -11.30 8.07
N ASN B 295 9.30 -10.90 7.37
CA ASN B 295 10.68 -11.19 7.82
C ASN B 295 11.21 -10.24 8.90
N ALA B 296 10.58 -9.09 9.06
CA ALA B 296 11.04 -8.05 10.00
C ALA B 296 10.48 -8.21 11.42
N VAL B 297 9.38 -8.96 11.56
CA VAL B 297 8.75 -9.17 12.86
C VAL B 297 9.74 -9.83 13.80
N GLY B 298 9.90 -9.26 14.99
CA GLY B 298 10.78 -9.85 16.00
C GLY B 298 12.18 -9.29 16.04
N SER B 299 12.54 -8.45 15.07
CA SER B 299 13.85 -7.83 15.02
C SER B 299 13.72 -6.37 15.41
N ARG B 300 14.73 -5.87 16.12
CA ARG B 300 14.83 -4.47 16.50
C ARG B 300 15.32 -3.55 15.37
N ASP B 301 15.87 -4.12 14.29
CA ASP B 301 16.42 -3.33 13.21
C ASP B 301 15.33 -2.72 12.32
N THR B 302 15.69 -1.66 11.60
CA THR B 302 14.84 -1.08 10.56
C THR B 302 15.50 -1.41 9.23
N PHE B 303 14.71 -1.91 8.28
CA PHE B 303 15.23 -2.48 7.05
C PHE B 303 14.86 -1.60 5.87
N VAL B 304 15.85 -1.28 5.03
CA VAL B 304 15.65 -0.35 3.94
C VAL B 304 16.12 -0.93 2.61
N GLY B 305 15.30 -0.75 1.58
CA GLY B 305 15.61 -1.23 0.24
C GLY B 305 14.79 -0.52 -0.81
N ARG B 306 14.72 -1.12 -2.00
CA ARG B 306 14.15 -0.49 -3.20
C ARG B 306 14.69 0.93 -3.43
N ILE B 307 15.94 1.18 -3.05
CA ILE B 307 16.51 2.53 -3.12
C ILE B 307 16.85 2.85 -4.58
N ARG B 308 16.29 3.95 -5.08
CA ARG B 308 16.47 4.29 -6.49
C ARG B 308 16.18 5.76 -6.71
N LYS B 309 16.83 6.35 -7.72
CA LYS B 309 16.58 7.76 -8.00
C LYS B 309 15.24 7.92 -8.69
N ASP B 310 14.65 9.08 -8.49
CA ASP B 310 13.47 9.48 -9.23
C ASP B 310 13.83 9.49 -10.70
N LEU B 311 12.84 9.21 -11.56
CA LEU B 311 13.08 9.15 -13.00
C LEU B 311 13.28 10.55 -13.61
N ASP B 312 12.92 11.60 -12.87
CA ASP B 312 12.92 12.96 -13.42
C ASP B 312 13.54 14.01 -12.52
N ALA B 313 13.20 13.99 -11.22
CA ALA B 313 13.72 14.97 -10.27
C ALA B 313 15.17 14.63 -9.91
N GLU B 314 16.08 15.56 -10.20
CA GLU B 314 17.51 15.33 -10.02
C GLU B 314 17.87 14.86 -8.61
N LYS B 315 17.22 15.46 -7.62
CA LYS B 315 17.54 15.21 -6.22
C LYS B 315 16.54 14.27 -5.53
N GLY B 316 15.64 13.68 -6.31
CA GLY B 316 14.61 12.80 -5.77
C GLY B 316 15.09 11.38 -5.59
N ILE B 317 14.67 10.76 -4.49
CA ILE B 317 15.02 9.37 -4.19
C ILE B 317 13.81 8.66 -3.61
N HIS B 318 13.57 7.44 -4.08
CA HIS B 318 12.51 6.57 -3.54
C HIS B 318 13.13 5.40 -2.77
N MET B 319 12.44 4.93 -1.73
CA MET B 319 12.86 3.75 -0.99
C MET B 319 11.68 3.08 -0.29
N TRP B 320 11.96 1.91 0.27
CA TRP B 320 11.00 1.07 0.99
C TRP B 320 11.58 0.76 2.36
N VAL B 321 10.86 1.11 3.42
CA VAL B 321 11.33 1.02 4.79
C VAL B 321 10.37 0.16 5.60
N VAL B 322 10.89 -0.85 6.30
CA VAL B 322 10.05 -1.80 7.07
C VAL B 322 10.66 -2.00 8.47
N SER B 323 9.81 -1.96 9.48
CA SER B 323 10.22 -2.31 10.83
C SER B 323 9.06 -2.84 11.66
N ASP B 324 9.38 -3.65 12.67
CA ASP B 324 8.38 -4.16 13.60
C ASP B 324 7.84 -2.97 14.40
N ASN B 325 6.56 -2.66 14.20
CA ASN B 325 5.96 -1.46 14.79
C ASN B 325 5.85 -1.50 16.32
N LEU B 326 5.89 -2.70 16.90
CA LEU B 326 5.84 -2.85 18.37
C LEU B 326 7.23 -2.87 19.00
N LEU B 327 8.26 -3.11 18.20
CA LEU B 327 9.64 -3.10 18.71
C LEU B 327 10.25 -1.73 18.47
N LYS B 328 10.97 -1.52 17.38
CA LYS B 328 11.55 -0.19 17.14
C LYS B 328 10.47 0.88 17.10
N GLY B 329 9.27 0.54 16.64
CA GLY B 329 8.18 1.48 16.58
C GLY B 329 7.60 1.87 17.94
N ALA B 330 7.90 1.11 18.99
CA ALA B 330 7.32 1.39 20.29
C ALA B 330 8.15 0.86 21.48
N ALA B 331 8.04 -0.42 21.80
CA ALA B 331 8.64 -0.96 23.00
C ALA B 331 10.18 -0.95 23.00
N TRP B 332 10.81 -1.27 21.87
CA TRP B 332 12.25 -1.25 21.81
C TRP B 332 12.75 0.20 21.84
N ASN B 333 12.12 1.12 21.12
CA ASN B 333 12.56 2.51 21.22
C ASN B 333 12.50 2.99 22.67
N SER B 334 11.44 2.64 23.37
CA SER B 334 11.26 3.07 24.76
C SER B 334 12.34 2.49 25.67
N VAL B 335 12.58 1.18 25.56
CA VAL B 335 13.60 0.55 26.39
C VAL B 335 15.00 1.03 26.02
N GLN B 336 15.23 1.28 24.74
CA GLN B 336 16.47 1.83 24.26
C GLN B 336 16.69 3.22 24.85
N ILE B 337 15.62 4.01 24.98
CA ILE B 337 15.69 5.30 25.67
C ILE B 337 16.12 5.09 27.11
N ALA B 338 15.48 4.14 27.80
CA ALA B 338 15.81 3.86 29.20
C ALA B 338 17.25 3.42 29.38
N GLU B 339 17.74 2.54 28.51
CA GLU B 339 19.17 2.15 28.50
C GLU B 339 20.09 3.35 28.29
N THR B 340 19.70 4.25 27.39
CA THR B 340 20.49 5.43 27.08
C THR B 340 20.53 6.37 28.27
N LEU B 341 19.39 6.53 28.95
CA LEU B 341 19.32 7.30 30.18
C LEU B 341 20.26 6.72 31.26
N HIS B 342 20.26 5.40 31.42
CA HIS B 342 21.14 4.75 32.38
C HIS B 342 22.61 4.94 31.98
N GLU B 343 22.92 4.69 30.71
CA GLU B 343 24.30 4.79 30.21
C GLU B 343 24.88 6.20 30.31
N ARG B 344 24.02 7.20 30.19
CA ARG B 344 24.46 8.60 30.24
C ARG B 344 24.23 9.28 31.59
N GLY B 345 23.88 8.52 32.61
CA GLY B 345 23.76 9.07 33.97
C GLY B 345 22.63 10.06 34.14
N LEU B 346 21.54 9.85 33.39
CA LEU B 346 20.42 10.77 33.36
C LEU B 346 19.20 10.24 34.12
N VAL B 347 19.32 9.11 34.82
CA VAL B 347 18.24 8.64 35.67
C VAL B 347 18.44 9.28 37.04
N ARG B 348 17.89 10.48 37.18
CA ARG B 348 18.13 11.35 38.33
C ARG B 348 16.89 12.19 38.62
#